data_2ELN
#
_entry.id   2ELN
#
loop_
_entity.id
_entity.type
_entity.pdbx_description
1 polymer 'Zinc finger protein 406'
2 non-polymer 'ZINC ION'
#
_entity_poly.entity_id   1
_entity_poly.type   'polypeptide(L)'
_entity_poly.pdbx_seq_one_letter_code
;GSSGSSGILLKCPTDGCDYSTPDKYKLQAHLKVHTALD
;
_entity_poly.pdbx_strand_id   A
#
loop_
_chem_comp.id
_chem_comp.type
_chem_comp.name
_chem_comp.formula
ZN non-polymer 'ZINC ION' 'Zn 2'
#
# COMPACT_ATOMS: atom_id res chain seq x y z
N GLY A 1 -20.45 4.87 -11.09
CA GLY A 1 -19.31 4.47 -10.28
C GLY A 1 -18.96 5.48 -9.22
N SER A 2 -19.70 5.46 -8.10
CA SER A 2 -19.46 6.40 -7.02
C SER A 2 -18.25 5.98 -6.19
N SER A 3 -17.77 6.89 -5.35
CA SER A 3 -16.61 6.62 -4.50
C SER A 3 -16.96 6.78 -3.03
N GLY A 4 -17.68 7.84 -2.71
CA GLY A 4 -18.07 8.09 -1.33
C GLY A 4 -16.91 8.61 -0.49
N SER A 5 -16.41 7.76 0.40
CA SER A 5 -15.31 8.13 1.28
C SER A 5 -14.30 9.00 0.53
N SER A 6 -14.02 8.64 -0.71
CA SER A 6 -13.07 9.39 -1.53
C SER A 6 -11.69 9.43 -0.87
N GLY A 7 -11.25 8.29 -0.37
CA GLY A 7 -9.95 8.21 0.28
C GLY A 7 -9.90 7.13 1.34
N ILE A 8 -9.16 6.06 1.05
CA ILE A 8 -9.02 4.95 1.99
C ILE A 8 -7.63 4.33 1.91
N LEU A 9 -7.23 3.66 2.98
CA LEU A 9 -5.92 3.02 3.05
C LEU A 9 -5.80 1.93 1.99
N LEU A 10 -4.80 2.05 1.12
CA LEU A 10 -4.57 1.07 0.06
C LEU A 10 -3.62 -0.02 0.54
N LYS A 11 -4.15 -1.23 0.74
CA LYS A 11 -3.34 -2.35 1.19
C LYS A 11 -2.63 -3.01 0.01
N CYS A 12 -1.31 -2.99 0.02
CA CYS A 12 -0.52 -3.59 -1.05
C CYS A 12 -1.11 -4.93 -1.47
N PRO A 13 -1.16 -5.16 -2.80
CA PRO A 13 -1.70 -6.40 -3.36
C PRO A 13 -0.81 -7.60 -3.08
N THR A 14 0.49 -7.37 -3.01
CA THR A 14 1.45 -8.44 -2.75
C THR A 14 1.00 -9.30 -1.58
N ASP A 15 0.90 -10.60 -1.82
CA ASP A 15 0.47 -11.54 -0.78
C ASP A 15 1.45 -11.52 0.40
N GLY A 16 0.90 -11.37 1.60
CA GLY A 16 1.74 -11.33 2.79
C GLY A 16 2.13 -9.92 3.19
N CYS A 17 2.49 -9.10 2.20
CA CYS A 17 2.89 -7.73 2.45
C CYS A 17 1.82 -7.00 3.26
N ASP A 18 2.27 -6.25 4.27
CA ASP A 18 1.35 -5.50 5.12
C ASP A 18 1.61 -4.00 5.00
N TYR A 19 1.82 -3.54 3.78
CA TYR A 19 2.08 -2.13 3.53
C TYR A 19 0.82 -1.41 3.06
N SER A 20 0.44 -0.36 3.76
CA SER A 20 -0.76 0.41 3.42
C SER A 20 -0.52 1.90 3.60
N THR A 21 -0.96 2.69 2.62
CA THR A 21 -0.80 4.13 2.67
C THR A 21 -2.00 4.85 2.06
N PRO A 22 -2.36 6.00 2.63
CA PRO A 22 -3.49 6.80 2.15
C PRO A 22 -3.21 7.46 0.81
N ASP A 23 -1.97 7.33 0.34
CA ASP A 23 -1.57 7.90 -0.95
C ASP A 23 -1.54 6.83 -2.04
N LYS A 24 -2.10 7.16 -3.19
CA LYS A 24 -2.14 6.23 -4.32
C LYS A 24 -0.77 6.13 -4.99
N TYR A 25 -0.25 7.28 -5.41
CA TYR A 25 1.06 7.33 -6.08
C TYR A 25 2.11 6.56 -5.27
N LYS A 26 2.33 6.99 -4.04
CA LYS A 26 3.30 6.36 -3.17
C LYS A 26 3.23 4.84 -3.29
N LEU A 27 2.02 4.29 -3.17
CA LEU A 27 1.81 2.86 -3.28
C LEU A 27 2.45 2.31 -4.55
N GLN A 28 2.02 2.83 -5.69
CA GLN A 28 2.54 2.40 -6.98
C GLN A 28 4.05 2.17 -6.90
N ALA A 29 4.76 3.11 -6.30
CA ALA A 29 6.20 3.02 -6.15
C ALA A 29 6.59 1.83 -5.28
N HIS A 30 5.84 1.62 -4.20
CA HIS A 30 6.11 0.53 -3.28
C HIS A 30 5.97 -0.82 -3.98
N LEU A 31 4.95 -0.94 -4.82
CA LEU A 31 4.71 -2.17 -5.56
C LEU A 31 5.95 -2.60 -6.34
N LYS A 32 6.89 -1.67 -6.49
CA LYS A 32 8.13 -1.94 -7.21
C LYS A 32 9.15 -2.60 -6.30
N VAL A 33 9.05 -2.33 -5.01
CA VAL A 33 9.97 -2.90 -4.02
C VAL A 33 9.99 -4.43 -4.13
N HIS A 34 8.90 -5.00 -4.63
CA HIS A 34 8.81 -6.45 -4.77
C HIS A 34 9.42 -6.89 -6.11
N THR A 35 8.94 -6.31 -7.20
CA THR A 35 9.43 -6.66 -8.52
C THR A 35 10.69 -5.87 -8.87
N ALA A 36 11.52 -5.63 -7.86
CA ALA A 36 12.77 -4.90 -8.05
C ALA A 36 13.98 -5.81 -7.90
N LEU A 37 14.72 -5.98 -8.98
CA LEU A 37 15.91 -6.83 -8.97
C LEU A 37 16.89 -6.41 -10.07
N ASP A 38 18.16 -6.30 -9.70
CA ASP A 38 19.20 -5.92 -10.64
C ASP A 38 19.20 -6.84 -11.86
ZN ZN B . 4.09 -4.53 -0.81
N GLY A 1 -23.88 16.18 2.75
CA GLY A 1 -23.79 14.82 3.28
C GLY A 1 -22.36 14.34 3.37
N SER A 2 -21.64 14.80 4.39
CA SER A 2 -20.25 14.40 4.59
C SER A 2 -20.14 13.28 5.62
N SER A 3 -20.00 12.05 5.14
CA SER A 3 -19.89 10.90 6.02
C SER A 3 -18.80 11.10 7.06
N GLY A 4 -17.59 11.39 6.59
CA GLY A 4 -16.48 11.62 7.50
C GLY A 4 -15.30 12.27 6.82
N SER A 5 -14.26 12.58 7.60
CA SER A 5 -13.06 13.23 7.06
C SER A 5 -11.87 12.30 7.15
N SER A 6 -11.75 11.39 6.19
CA SER A 6 -10.65 10.43 6.17
C SER A 6 -10.65 9.64 4.86
N GLY A 7 -9.49 9.13 4.47
CA GLY A 7 -9.38 8.36 3.25
C GLY A 7 -9.13 6.89 3.52
N ILE A 8 -9.47 6.05 2.55
CA ILE A 8 -9.27 4.61 2.68
C ILE A 8 -7.83 4.22 2.42
N LEU A 9 -7.21 3.57 3.40
CA LEU A 9 -5.81 3.14 3.27
C LEU A 9 -5.68 2.06 2.20
N LEU A 10 -4.84 2.32 1.20
CA LEU A 10 -4.62 1.37 0.12
C LEU A 10 -3.72 0.23 0.58
N LYS A 11 -4.30 -0.96 0.69
CA LYS A 11 -3.54 -2.13 1.12
C LYS A 11 -2.79 -2.76 -0.06
N CYS A 12 -1.52 -3.06 0.14
CA CYS A 12 -0.70 -3.65 -0.90
C CYS A 12 -1.27 -4.99 -1.33
N PRO A 13 -1.28 -5.23 -2.66
CA PRO A 13 -1.79 -6.47 -3.23
C PRO A 13 -0.90 -7.68 -2.92
N THR A 14 0.39 -7.43 -2.82
CA THR A 14 1.35 -8.50 -2.52
C THR A 14 0.90 -9.32 -1.33
N ASP A 15 0.66 -10.61 -1.56
CA ASP A 15 0.23 -11.51 -0.49
C ASP A 15 1.09 -11.33 0.76
N GLY A 16 2.37 -11.68 0.64
CA GLY A 16 3.27 -11.56 1.77
C GLY A 16 3.69 -10.13 2.01
N CYS A 17 2.72 -9.23 2.11
CA CYS A 17 2.99 -7.82 2.35
C CYS A 17 1.83 -7.15 3.06
N ASP A 18 2.14 -6.31 4.04
CA ASP A 18 1.11 -5.60 4.80
C ASP A 18 1.33 -4.10 4.74
N TYR A 19 1.84 -3.62 3.61
CA TYR A 19 2.11 -2.20 3.43
C TYR A 19 0.85 -1.47 2.98
N SER A 20 0.60 -0.30 3.59
CA SER A 20 -0.57 0.50 3.25
C SER A 20 -0.26 1.98 3.34
N THR A 21 -0.91 2.78 2.50
CA THR A 21 -0.70 4.22 2.48
C THR A 21 -1.93 4.95 1.96
N PRO A 22 -2.21 6.12 2.53
CA PRO A 22 -3.37 6.94 2.15
C PRO A 22 -3.19 7.56 0.76
N ASP A 23 -2.00 7.39 0.20
CA ASP A 23 -1.71 7.93 -1.13
C ASP A 23 -1.58 6.82 -2.16
N LYS A 24 -2.11 7.06 -3.35
CA LYS A 24 -2.05 6.08 -4.43
C LYS A 24 -0.66 6.03 -5.05
N TYR A 25 -0.07 7.21 -5.25
CA TYR A 25 1.26 7.30 -5.84
C TYR A 25 2.30 6.62 -4.95
N LYS A 26 2.10 6.69 -3.65
CA LYS A 26 3.01 6.07 -2.69
C LYS A 26 2.95 4.56 -2.79
N LEU A 27 1.82 4.02 -3.22
CA LEU A 27 1.65 2.59 -3.36
C LEU A 27 2.31 2.08 -4.64
N GLN A 28 1.89 2.63 -5.78
CA GLN A 28 2.44 2.22 -7.06
C GLN A 28 3.97 2.11 -6.98
N ALA A 29 4.59 3.04 -6.27
CA ALA A 29 6.04 3.04 -6.12
C ALA A 29 6.50 1.87 -5.26
N HIS A 30 5.75 1.59 -4.20
CA HIS A 30 6.09 0.50 -3.29
C HIS A 30 6.04 -0.84 -4.01
N LEU A 31 4.96 -1.08 -4.75
CA LEU A 31 4.79 -2.33 -5.48
C LEU A 31 6.07 -2.67 -6.24
N LYS A 32 6.90 -1.68 -6.49
CA LYS A 32 8.16 -1.87 -7.20
C LYS A 32 9.18 -2.58 -6.32
N VAL A 33 9.21 -2.20 -5.04
CA VAL A 33 10.14 -2.80 -4.08
C VAL A 33 10.15 -4.32 -4.20
N HIS A 34 9.06 -4.87 -4.74
CA HIS A 34 8.93 -6.31 -4.91
C HIS A 34 9.55 -6.76 -6.24
N THR A 35 9.05 -6.19 -7.33
CA THR A 35 9.54 -6.53 -8.65
C THR A 35 11.07 -6.54 -8.70
N ALA A 36 11.68 -5.50 -8.12
CA ALA A 36 13.13 -5.40 -8.09
C ALA A 36 13.74 -6.57 -7.34
N LEU A 37 14.37 -7.48 -8.08
CA LEU A 37 15.01 -8.65 -7.49
C LEU A 37 14.02 -9.43 -6.63
N ASP A 38 12.80 -9.57 -7.12
CA ASP A 38 11.75 -10.30 -6.40
C ASP A 38 12.26 -11.66 -5.94
ZN ZN B . 4.03 -4.50 -0.85
N GLY A 1 -17.27 23.60 8.25
CA GLY A 1 -16.97 22.35 7.56
C GLY A 1 -16.69 21.21 8.53
N SER A 2 -16.94 19.99 8.09
CA SER A 2 -16.72 18.82 8.92
C SER A 2 -15.66 17.90 8.29
N SER A 3 -14.40 18.15 8.61
CA SER A 3 -13.31 17.35 8.08
C SER A 3 -12.50 16.70 9.20
N GLY A 4 -12.43 15.37 9.17
CA GLY A 4 -11.69 14.65 10.19
C GLY A 4 -11.20 13.30 9.70
N SER A 5 -12.10 12.51 9.15
CA SER A 5 -11.75 11.18 8.64
C SER A 5 -10.75 11.29 7.50
N SER A 6 -9.55 10.77 7.71
CA SER A 6 -8.50 10.81 6.69
C SER A 6 -8.98 10.16 5.40
N GLY A 7 -9.46 8.91 5.51
CA GLY A 7 -9.95 8.20 4.35
C GLY A 7 -9.62 6.72 4.40
N ILE A 8 -9.72 6.05 3.26
CA ILE A 8 -9.43 4.63 3.18
C ILE A 8 -7.99 4.38 2.75
N LEU A 9 -7.30 3.54 3.50
CA LEU A 9 -5.91 3.20 3.19
C LEU A 9 -5.82 2.15 2.10
N LEU A 10 -4.85 2.30 1.21
CA LEU A 10 -4.66 1.36 0.11
C LEU A 10 -3.72 0.23 0.52
N LYS A 11 -4.28 -0.97 0.68
CA LYS A 11 -3.50 -2.13 1.06
C LYS A 11 -2.83 -2.77 -0.15
N CYS A 12 -1.53 -2.98 -0.06
CA CYS A 12 -0.77 -3.58 -1.15
C CYS A 12 -1.41 -4.91 -1.60
N PRO A 13 -1.47 -5.11 -2.92
CA PRO A 13 -2.06 -6.31 -3.51
C PRO A 13 -1.20 -7.55 -3.26
N THR A 14 0.12 -7.36 -3.21
CA THR A 14 1.04 -8.45 -2.98
C THR A 14 0.63 -9.29 -1.78
N ASP A 15 0.12 -10.49 -2.05
CA ASP A 15 -0.31 -11.39 -0.98
C ASP A 15 0.62 -11.30 0.22
N GLY A 16 1.89 -11.65 0.01
CA GLY A 16 2.86 -11.61 1.08
C GLY A 16 3.31 -10.20 1.40
N CYS A 17 2.36 -9.31 1.62
CA CYS A 17 2.66 -7.92 1.94
C CYS A 17 1.50 -7.26 2.67
N ASP A 18 1.82 -6.44 3.67
CA ASP A 18 0.81 -5.75 4.45
C ASP A 18 1.09 -4.26 4.51
N TYR A 19 1.53 -3.70 3.39
CA TYR A 19 1.85 -2.27 3.32
C TYR A 19 0.62 -1.46 2.91
N SER A 20 0.36 -0.38 3.65
CA SER A 20 -0.78 0.47 3.38
C SER A 20 -0.40 1.95 3.51
N THR A 21 -0.87 2.76 2.56
CA THR A 21 -0.58 4.18 2.57
C THR A 21 -1.76 4.99 2.04
N PRO A 22 -1.99 6.17 2.63
CA PRO A 22 -3.08 7.06 2.23
C PRO A 22 -2.84 7.69 0.87
N ASP A 23 -1.62 7.55 0.36
CA ASP A 23 -1.27 8.11 -0.94
C ASP A 23 -1.33 7.04 -2.02
N LYS A 24 -2.02 7.37 -3.11
CA LYS A 24 -2.16 6.43 -4.23
C LYS A 24 -0.81 6.14 -4.88
N TYR A 25 -0.09 7.20 -5.22
CA TYR A 25 1.22 7.06 -5.85
C TYR A 25 2.17 6.26 -4.96
N LYS A 26 2.33 6.72 -3.73
CA LYS A 26 3.21 6.06 -2.77
C LYS A 26 3.07 4.54 -2.87
N LEU A 27 1.88 4.08 -3.26
CA LEU A 27 1.62 2.65 -3.41
C LEU A 27 2.27 2.10 -4.66
N GLN A 28 1.83 2.61 -5.82
CA GLN A 28 2.37 2.16 -7.09
C GLN A 28 3.89 2.08 -7.05
N ALA A 29 4.50 3.04 -6.35
CA ALA A 29 5.95 3.07 -6.22
C ALA A 29 6.46 1.93 -5.34
N HIS A 30 5.67 1.59 -4.32
CA HIS A 30 6.04 0.51 -3.41
C HIS A 30 6.00 -0.84 -4.11
N LEU A 31 4.98 -1.03 -4.94
CA LEU A 31 4.82 -2.29 -5.68
C LEU A 31 6.11 -2.67 -6.38
N LYS A 32 6.99 -1.70 -6.57
CA LYS A 32 8.27 -1.93 -7.24
C LYS A 32 9.27 -2.57 -6.29
N VAL A 33 9.17 -2.22 -5.00
CA VAL A 33 10.06 -2.76 -4.00
C VAL A 33 10.15 -4.29 -4.08
N HIS A 34 9.10 -4.89 -4.62
CA HIS A 34 9.05 -6.35 -4.77
C HIS A 34 9.84 -6.79 -6.00
N THR A 35 9.54 -6.19 -7.14
CA THR A 35 10.23 -6.52 -8.39
C THR A 35 11.72 -6.21 -8.29
N ALA A 36 12.08 -5.35 -7.34
CA ALA A 36 13.47 -4.98 -7.15
C ALA A 36 14.27 -6.10 -6.49
N LEU A 37 15.54 -6.21 -6.85
CA LEU A 37 16.40 -7.24 -6.30
C LEU A 37 17.45 -6.63 -5.37
N ASP A 38 18.34 -5.82 -5.92
CA ASP A 38 19.38 -5.17 -5.14
C ASP A 38 18.83 -4.67 -3.81
ZN ZN B . 3.81 -4.60 -1.22
N GLY A 1 -19.21 12.94 2.12
CA GLY A 1 -20.17 12.39 3.06
C GLY A 1 -20.47 10.93 2.80
N SER A 2 -19.61 10.05 3.30
CA SER A 2 -19.79 8.61 3.11
C SER A 2 -20.70 8.03 4.18
N SER A 3 -21.44 6.99 3.83
CA SER A 3 -22.36 6.34 4.76
C SER A 3 -21.63 5.29 5.59
N GLY A 4 -20.43 5.63 6.05
CA GLY A 4 -19.65 4.70 6.85
C GLY A 4 -18.19 5.09 6.95
N SER A 5 -17.39 4.61 6.01
CA SER A 5 -15.96 4.91 5.99
C SER A 5 -15.58 5.65 4.72
N SER A 6 -14.71 6.65 4.86
CA SER A 6 -14.27 7.45 3.73
C SER A 6 -12.77 7.33 3.53
N GLY A 7 -12.02 7.45 4.63
CA GLY A 7 -10.57 7.35 4.56
C GLY A 7 -10.10 5.91 4.45
N ILE A 8 -10.23 5.33 3.26
CA ILE A 8 -9.81 3.95 3.04
C ILE A 8 -8.34 3.88 2.63
N LEU A 9 -7.57 3.08 3.34
CA LEU A 9 -6.15 2.92 3.05
C LEU A 9 -5.92 1.86 1.96
N LEU A 10 -4.96 2.11 1.09
CA LEU A 10 -4.64 1.18 0.01
C LEU A 10 -3.67 0.11 0.49
N LYS A 11 -4.18 -1.09 0.72
CA LYS A 11 -3.36 -2.20 1.17
C LYS A 11 -2.67 -2.88 -0.01
N CYS A 12 -1.35 -3.07 0.11
CA CYS A 12 -0.57 -3.71 -0.94
C CYS A 12 -1.20 -5.05 -1.35
N PRO A 13 -1.24 -5.31 -2.66
CA PRO A 13 -1.81 -6.54 -3.20
C PRO A 13 -0.94 -7.76 -2.89
N THR A 14 0.37 -7.54 -2.83
CA THR A 14 1.31 -8.62 -2.54
C THR A 14 0.89 -9.40 -1.30
N ASP A 15 0.38 -10.61 -1.51
CA ASP A 15 -0.05 -11.45 -0.40
C ASP A 15 0.84 -11.26 0.82
N GLY A 16 2.12 -11.56 0.65
CA GLY A 16 3.07 -11.42 1.75
C GLY A 16 3.49 -9.98 1.97
N CYS A 17 2.50 -9.10 2.13
CA CYS A 17 2.77 -7.68 2.34
C CYS A 17 1.59 -7.00 3.02
N ASP A 18 1.85 -6.38 4.17
CA ASP A 18 0.81 -5.70 4.92
C ASP A 18 1.05 -4.19 4.93
N TYR A 19 1.48 -3.65 3.79
CA TYR A 19 1.76 -2.23 3.68
C TYR A 19 0.52 -1.46 3.24
N SER A 20 0.29 -0.30 3.84
CA SER A 20 -0.86 0.53 3.51
C SER A 20 -0.52 2.00 3.58
N THR A 21 -1.06 2.79 2.65
CA THR A 21 -0.81 4.22 2.61
C THR A 21 -1.96 4.96 1.95
N PRO A 22 -2.28 6.16 2.48
CA PRO A 22 -3.36 6.99 1.95
C PRO A 22 -3.03 7.57 0.59
N ASP A 23 -1.77 7.51 0.21
CA ASP A 23 -1.32 8.04 -1.07
C ASP A 23 -1.28 6.93 -2.13
N LYS A 24 -2.08 7.09 -3.17
CA LYS A 24 -2.14 6.11 -4.25
C LYS A 24 -0.81 6.05 -5.01
N TYR A 25 -0.22 7.22 -5.25
CA TYR A 25 1.05 7.30 -5.96
C TYR A 25 2.15 6.59 -5.19
N LYS A 26 2.22 6.86 -3.89
CA LYS A 26 3.22 6.24 -3.03
C LYS A 26 3.19 4.71 -3.15
N LEU A 27 1.98 4.16 -3.19
CA LEU A 27 1.81 2.71 -3.30
C LEU A 27 2.49 2.19 -4.56
N GLN A 28 2.05 2.70 -5.71
CA GLN A 28 2.61 2.27 -6.99
C GLN A 28 4.12 2.10 -6.90
N ALA A 29 4.79 3.08 -6.31
CA ALA A 29 6.24 3.04 -6.15
C ALA A 29 6.65 1.90 -5.22
N HIS A 30 5.82 1.62 -4.22
CA HIS A 30 6.10 0.56 -3.26
C HIS A 30 6.02 -0.81 -3.93
N LEU A 31 4.97 -1.01 -4.73
CA LEU A 31 4.78 -2.27 -5.43
C LEU A 31 6.04 -2.68 -6.19
N LYS A 32 6.84 -1.68 -6.57
CA LYS A 32 8.07 -1.93 -7.30
C LYS A 32 9.10 -2.62 -6.41
N VAL A 33 9.10 -2.27 -5.12
CA VAL A 33 10.03 -2.85 -4.17
C VAL A 33 10.10 -4.36 -4.32
N HIS A 34 8.98 -4.97 -4.70
CA HIS A 34 8.93 -6.41 -4.89
C HIS A 34 9.47 -6.81 -6.26
N THR A 35 8.72 -6.49 -7.31
CA THR A 35 9.13 -6.80 -8.67
C THR A 35 10.56 -6.34 -8.94
N ALA A 36 10.78 -5.04 -8.85
CA ALA A 36 12.10 -4.48 -9.08
C ALA A 36 13.10 -4.98 -8.06
N LEU A 37 14.38 -4.97 -8.42
CA LEU A 37 15.44 -5.43 -7.54
C LEU A 37 15.37 -4.74 -6.18
N ASP A 38 14.66 -5.34 -5.24
CA ASP A 38 14.50 -4.79 -3.91
C ASP A 38 15.84 -4.30 -3.37
ZN ZN B . 4.12 -4.63 -0.96
N GLY A 1 2.08 10.41 15.76
CA GLY A 1 0.71 9.96 15.53
C GLY A 1 0.06 10.67 14.37
N SER A 2 -0.94 10.03 13.77
CA SER A 2 -1.65 10.60 12.64
C SER A 2 -3.16 10.49 12.83
N SER A 3 -3.88 11.52 12.39
CA SER A 3 -5.33 11.54 12.52
C SER A 3 -6.01 11.19 11.19
N GLY A 4 -7.19 10.60 11.28
CA GLY A 4 -7.91 10.21 10.08
C GLY A 4 -9.40 10.06 10.33
N SER A 5 -10.20 10.22 9.27
CA SER A 5 -11.65 10.10 9.38
C SER A 5 -12.17 9.02 8.45
N SER A 6 -12.23 7.79 8.96
CA SER A 6 -12.71 6.66 8.16
C SER A 6 -12.15 6.70 6.75
N GLY A 7 -10.86 7.01 6.64
CA GLY A 7 -10.21 7.08 5.34
C GLY A 7 -9.83 5.71 4.81
N ILE A 8 -9.96 5.53 3.50
CA ILE A 8 -9.61 4.25 2.87
C ILE A 8 -8.12 4.17 2.58
N LEU A 9 -7.47 3.15 3.13
CA LEU A 9 -6.04 2.96 2.93
C LEU A 9 -5.78 1.86 1.91
N LEU A 10 -4.89 2.13 0.97
CA LEU A 10 -4.55 1.16 -0.07
C LEU A 10 -3.54 0.14 0.44
N LYS A 11 -4.00 -1.10 0.61
CA LYS A 11 -3.14 -2.18 1.10
C LYS A 11 -2.41 -2.85 -0.05
N CYS A 12 -1.10 -3.05 0.11
CA CYS A 12 -0.29 -3.69 -0.92
C CYS A 12 -0.79 -5.09 -1.22
N PRO A 13 -0.83 -5.44 -2.51
CA PRO A 13 -1.30 -6.76 -2.97
C PRO A 13 -0.33 -7.87 -2.59
N THR A 14 0.96 -7.55 -2.57
CA THR A 14 2.00 -8.52 -2.24
C THR A 14 1.58 -9.37 -1.03
N ASP A 15 1.31 -10.64 -1.28
CA ASP A 15 0.90 -11.55 -0.23
C ASP A 15 1.77 -11.37 1.02
N GLY A 16 1.13 -11.27 2.18
CA GLY A 16 1.86 -11.08 3.41
C GLY A 16 2.17 -9.62 3.69
N CYS A 17 2.69 -8.93 2.69
CA CYS A 17 3.04 -7.53 2.83
C CYS A 17 1.91 -6.75 3.52
N ASP A 18 2.27 -6.00 4.56
CA ASP A 18 1.29 -5.21 5.30
C ASP A 18 1.56 -3.72 5.13
N TYR A 19 1.83 -3.30 3.89
CA TYR A 19 2.11 -1.90 3.61
C TYR A 19 0.86 -1.20 3.09
N SER A 20 0.47 -0.13 3.78
CA SER A 20 -0.72 0.64 3.39
C SER A 20 -0.44 2.14 3.47
N THR A 21 -1.07 2.90 2.59
CA THR A 21 -0.90 4.35 2.56
C THR A 21 -2.04 5.02 1.80
N PRO A 22 -2.47 6.19 2.30
CA PRO A 22 -3.56 6.96 1.67
C PRO A 22 -3.14 7.57 0.35
N ASP A 23 -1.85 7.49 0.04
CA ASP A 23 -1.32 8.04 -1.20
C ASP A 23 -1.32 6.98 -2.31
N LYS A 24 -2.24 7.13 -3.26
CA LYS A 24 -2.34 6.19 -4.36
C LYS A 24 -1.05 6.15 -5.17
N TYR A 25 -0.23 7.19 -5.02
CA TYR A 25 1.03 7.27 -5.73
C TYR A 25 2.16 6.60 -4.95
N LYS A 26 2.11 6.75 -3.63
CA LYS A 26 3.11 6.15 -2.76
C LYS A 26 3.13 4.63 -2.90
N LEU A 27 1.94 4.05 -3.11
CA LEU A 27 1.82 2.60 -3.27
C LEU A 27 2.49 2.14 -4.56
N GLN A 28 2.05 2.69 -5.68
CA GLN A 28 2.60 2.33 -6.98
C GLN A 28 4.11 2.09 -6.87
N ALA A 29 4.83 3.07 -6.35
CA ALA A 29 6.28 2.95 -6.20
C ALA A 29 6.64 1.78 -5.30
N HIS A 30 5.86 1.59 -4.24
CA HIS A 30 6.09 0.50 -3.30
C HIS A 30 5.98 -0.86 -3.99
N LEU A 31 4.95 -1.01 -4.82
CA LEU A 31 4.73 -2.26 -5.53
C LEU A 31 5.97 -2.66 -6.32
N LYS A 32 6.87 -1.70 -6.53
CA LYS A 32 8.11 -1.97 -7.26
C LYS A 32 9.14 -2.64 -6.35
N VAL A 33 9.13 -2.29 -5.08
CA VAL A 33 10.05 -2.87 -4.12
C VAL A 33 10.04 -4.40 -4.18
N HIS A 34 8.97 -4.94 -4.75
CA HIS A 34 8.83 -6.39 -4.87
C HIS A 34 9.32 -6.87 -6.23
N THR A 35 8.56 -6.54 -7.28
CA THR A 35 8.92 -6.95 -8.64
C THR A 35 10.39 -6.67 -8.92
N ALA A 36 10.99 -5.77 -8.14
CA ALA A 36 12.39 -5.41 -8.30
C ALA A 36 13.23 -5.92 -7.14
N LEU A 37 14.20 -6.78 -7.43
CA LEU A 37 15.07 -7.34 -6.41
C LEU A 37 16.36 -6.53 -6.29
N ASP A 38 16.92 -6.15 -7.43
CA ASP A 38 18.16 -5.37 -7.45
C ASP A 38 17.96 -4.06 -8.21
ZN ZN B . 4.36 -4.41 -0.64
N GLY A 1 -2.83 3.09 20.58
CA GLY A 1 -3.43 4.36 20.94
C GLY A 1 -4.57 4.75 20.02
N SER A 2 -4.78 6.04 19.85
CA SER A 2 -5.86 6.54 18.99
C SER A 2 -5.37 7.68 18.10
N SER A 3 -5.67 7.59 16.81
CA SER A 3 -5.26 8.60 15.85
C SER A 3 -6.37 8.86 14.83
N GLY A 4 -6.20 9.92 14.05
CA GLY A 4 -7.18 10.26 13.04
C GLY A 4 -6.91 9.59 11.71
N SER A 5 -7.70 9.93 10.70
CA SER A 5 -7.55 9.35 9.38
C SER A 5 -8.02 10.31 8.30
N SER A 6 -7.34 10.29 7.15
CA SER A 6 -7.69 11.17 6.04
C SER A 6 -8.36 10.39 4.92
N GLY A 7 -9.29 9.52 5.29
CA GLY A 7 -9.99 8.72 4.30
C GLY A 7 -9.76 7.23 4.47
N ILE A 8 -9.16 6.61 3.47
CA ILE A 8 -8.88 5.17 3.52
C ILE A 8 -7.49 4.87 2.99
N LEU A 9 -6.85 3.85 3.56
CA LEU A 9 -5.51 3.45 3.13
C LEU A 9 -5.58 2.28 2.16
N LEU A 10 -4.69 2.30 1.16
CA LEU A 10 -4.64 1.23 0.17
C LEU A 10 -3.70 0.11 0.61
N LYS A 11 -4.26 -1.08 0.80
CA LYS A 11 -3.47 -2.23 1.22
C LYS A 11 -2.80 -2.90 0.03
N CYS A 12 -1.48 -3.00 0.07
CA CYS A 12 -0.71 -3.61 -1.00
C CYS A 12 -1.31 -4.96 -1.39
N PRO A 13 -1.39 -5.22 -2.71
CA PRO A 13 -1.93 -6.47 -3.23
C PRO A 13 -1.02 -7.67 -2.94
N THR A 14 0.28 -7.42 -2.93
CA THR A 14 1.26 -8.46 -2.67
C THR A 14 0.87 -9.30 -1.45
N ASP A 15 0.72 -10.60 -1.65
CA ASP A 15 0.35 -11.51 -0.56
C ASP A 15 1.36 -11.42 0.58
N GLY A 16 0.84 -11.29 1.80
CA GLY A 16 1.70 -11.20 2.96
C GLY A 16 2.07 -9.77 3.30
N CYS A 17 2.42 -9.00 2.27
CA CYS A 17 2.80 -7.60 2.46
C CYS A 17 1.74 -6.86 3.26
N ASP A 18 2.17 -6.20 4.33
CA ASP A 18 1.25 -5.44 5.18
C ASP A 18 1.49 -3.94 5.02
N TYR A 19 1.79 -3.51 3.79
CA TYR A 19 2.03 -2.11 3.50
C TYR A 19 0.74 -1.41 3.09
N SER A 20 0.46 -0.28 3.74
CA SER A 20 -0.75 0.49 3.43
C SER A 20 -0.48 1.98 3.54
N THR A 21 -0.97 2.75 2.57
CA THR A 21 -0.79 4.19 2.57
C THR A 21 -1.99 4.89 1.96
N PRO A 22 -2.36 6.04 2.56
CA PRO A 22 -3.51 6.83 2.10
C PRO A 22 -3.25 7.50 0.75
N ASP A 23 -2.09 7.22 0.17
CA ASP A 23 -1.71 7.79 -1.12
C ASP A 23 -1.61 6.70 -2.18
N LYS A 24 -2.20 6.95 -3.35
CA LYS A 24 -2.16 6.00 -4.45
C LYS A 24 -0.78 5.97 -5.10
N TYR A 25 -0.17 7.14 -5.22
CA TYR A 25 1.15 7.24 -5.84
C TYR A 25 2.20 6.50 -5.00
N LYS A 26 2.22 6.78 -3.71
CA LYS A 26 3.16 6.14 -2.80
C LYS A 26 3.15 4.62 -2.98
N LEU A 27 1.96 4.07 -3.19
CA LEU A 27 1.81 2.63 -3.37
C LEU A 27 2.49 2.17 -4.67
N GLN A 28 2.06 2.74 -5.79
CA GLN A 28 2.62 2.39 -7.09
C GLN A 28 4.13 2.17 -6.98
N ALA A 29 4.82 3.14 -6.39
CA ALA A 29 6.27 3.05 -6.23
C ALA A 29 6.65 1.90 -5.31
N HIS A 30 5.83 1.67 -4.28
CA HIS A 30 6.08 0.60 -3.32
C HIS A 30 5.96 -0.77 -4.01
N LEU A 31 4.96 -0.91 -4.87
CA LEU A 31 4.73 -2.17 -5.58
C LEU A 31 5.98 -2.58 -6.35
N LYS A 32 6.90 -1.64 -6.54
CA LYS A 32 8.14 -1.90 -7.26
C LYS A 32 9.18 -2.54 -6.34
N VAL A 33 9.06 -2.28 -5.04
CA VAL A 33 9.99 -2.83 -4.07
C VAL A 33 9.99 -4.36 -4.11
N HIS A 34 8.95 -4.93 -4.71
CA HIS A 34 8.83 -6.37 -4.81
C HIS A 34 9.45 -6.88 -6.12
N THR A 35 9.11 -6.21 -7.23
CA THR A 35 9.63 -6.59 -8.53
C THR A 35 10.92 -5.83 -8.85
N ALA A 36 11.80 -5.73 -7.87
CA ALA A 36 13.06 -5.02 -8.04
C ALA A 36 14.25 -5.99 -7.96
N LEU A 37 14.03 -7.12 -7.31
CA LEU A 37 15.08 -8.14 -7.15
C LEU A 37 15.30 -8.89 -8.45
N ASP A 38 14.22 -9.10 -9.19
CA ASP A 38 14.30 -9.81 -10.47
C ASP A 38 14.13 -8.85 -11.64
ZN ZN B . 3.92 -4.40 -0.97
N GLY A 1 -12.65 -6.36 12.82
CA GLY A 1 -12.26 -6.34 14.21
C GLY A 1 -13.27 -5.66 15.11
N SER A 2 -13.56 -6.28 16.25
CA SER A 2 -14.54 -5.73 17.18
C SER A 2 -14.28 -4.25 17.43
N SER A 3 -13.02 -3.92 17.72
CA SER A 3 -12.63 -2.54 17.98
C SER A 3 -13.14 -1.61 16.88
N GLY A 4 -12.85 -1.96 15.63
CA GLY A 4 -13.28 -1.15 14.52
C GLY A 4 -12.51 0.14 14.41
N SER A 5 -11.18 0.05 14.37
CA SER A 5 -10.34 1.23 14.28
C SER A 5 -9.51 1.20 12.99
N SER A 6 -10.07 1.77 11.93
CA SER A 6 -9.40 1.80 10.63
C SER A 6 -10.22 2.60 9.62
N GLY A 7 -9.58 3.60 9.03
CA GLY A 7 -10.26 4.43 8.05
C GLY A 7 -10.04 3.94 6.62
N ILE A 8 -9.69 4.86 5.73
CA ILE A 8 -9.45 4.51 4.33
C ILE A 8 -7.96 4.45 4.02
N LEU A 9 -7.51 3.28 3.56
CA LEU A 9 -6.09 3.10 3.22
C LEU A 9 -5.94 2.07 2.11
N LEU A 10 -4.96 2.30 1.24
CA LEU A 10 -4.70 1.38 0.12
C LEU A 10 -3.72 0.29 0.53
N LYS A 11 -4.22 -0.92 0.71
CA LYS A 11 -3.38 -2.06 1.09
C LYS A 11 -2.70 -2.67 -0.13
N CYS A 12 -1.41 -2.96 0.00
CA CYS A 12 -0.65 -3.56 -1.08
C CYS A 12 -1.20 -4.92 -1.46
N PRO A 13 -1.29 -5.19 -2.77
CA PRO A 13 -1.80 -6.47 -3.28
C PRO A 13 -0.84 -7.62 -3.01
N THR A 14 0.45 -7.33 -3.01
CA THR A 14 1.47 -8.34 -2.76
C THR A 14 1.07 -9.26 -1.60
N ASP A 15 0.99 -10.56 -1.88
CA ASP A 15 0.62 -11.53 -0.87
C ASP A 15 1.52 -11.41 0.36
N GLY A 16 0.91 -11.34 1.54
CA GLY A 16 1.67 -11.22 2.76
C GLY A 16 2.02 -9.78 3.09
N CYS A 17 2.40 -9.02 2.08
CA CYS A 17 2.77 -7.62 2.26
C CYS A 17 1.63 -6.84 2.93
N ASP A 18 1.91 -6.33 4.12
CA ASP A 18 0.92 -5.56 4.87
C ASP A 18 1.19 -4.07 4.78
N TYR A 19 1.55 -3.61 3.58
CA TYR A 19 1.84 -2.21 3.36
C TYR A 19 0.58 -1.43 3.04
N SER A 20 0.41 -0.27 3.69
CA SER A 20 -0.77 0.57 3.48
C SER A 20 -0.38 2.05 3.50
N THR A 21 -1.02 2.83 2.64
CA THR A 21 -0.75 4.26 2.56
C THR A 21 -1.98 5.02 2.10
N PRO A 22 -2.20 6.20 2.70
CA PRO A 22 -3.35 7.05 2.38
C PRO A 22 -3.23 7.68 0.98
N ASP A 23 -2.18 7.30 0.27
CA ASP A 23 -1.94 7.82 -1.07
C ASP A 23 -1.96 6.70 -2.10
N LYS A 24 -2.24 7.06 -3.35
CA LYS A 24 -2.30 6.08 -4.44
C LYS A 24 -0.93 5.93 -5.10
N TYR A 25 -0.23 7.05 -5.26
CA TYR A 25 1.08 7.05 -5.89
C TYR A 25 2.10 6.33 -5.01
N LYS A 26 2.14 6.70 -3.74
CA LYS A 26 3.06 6.11 -2.78
C LYS A 26 3.09 4.59 -2.94
N LEU A 27 1.92 3.99 -3.13
CA LEU A 27 1.82 2.54 -3.30
C LEU A 27 2.49 2.09 -4.59
N GLN A 28 2.08 2.69 -5.71
CA GLN A 28 2.64 2.35 -7.01
C GLN A 28 4.16 2.23 -6.92
N ALA A 29 4.79 3.17 -6.22
CA ALA A 29 6.24 3.17 -6.07
C ALA A 29 6.69 2.01 -5.18
N HIS A 30 5.84 1.62 -4.23
CA HIS A 30 6.16 0.53 -3.33
C HIS A 30 6.04 -0.82 -4.03
N LEU A 31 4.98 -0.97 -4.84
CA LEU A 31 4.75 -2.20 -5.57
C LEU A 31 6.01 -2.62 -6.34
N LYS A 32 6.92 -1.68 -6.52
CA LYS A 32 8.16 -1.96 -7.24
C LYS A 32 9.18 -2.63 -6.34
N VAL A 33 9.12 -2.32 -5.04
CA VAL A 33 10.03 -2.90 -4.06
C VAL A 33 10.08 -4.42 -4.21
N HIS A 34 9.06 -4.99 -4.84
CA HIS A 34 9.00 -6.43 -5.03
C HIS A 34 9.59 -6.82 -6.38
N THR A 35 10.64 -6.12 -6.79
CA THR A 35 11.30 -6.39 -8.05
C THR A 35 12.79 -6.64 -7.86
N ALA A 36 13.35 -6.09 -6.78
CA ALA A 36 14.75 -6.27 -6.47
C ALA A 36 15.20 -7.70 -6.71
N LEU A 37 14.24 -8.62 -6.66
CA LEU A 37 14.53 -10.04 -6.86
C LEU A 37 14.57 -10.38 -8.36
N ASP A 38 15.66 -10.03 -9.01
CA ASP A 38 15.81 -10.31 -10.44
C ASP A 38 16.90 -11.35 -10.68
ZN ZN B . 4.07 -4.55 -1.09
N GLY A 1 -7.01 -7.01 16.43
CA GLY A 1 -7.94 -5.98 16.89
C GLY A 1 -7.92 -4.75 15.99
N SER A 2 -9.05 -4.06 15.93
CA SER A 2 -9.18 -2.87 15.11
C SER A 2 -9.33 -1.61 15.97
N SER A 3 -8.19 -0.99 16.29
CA SER A 3 -8.20 0.21 17.11
C SER A 3 -7.56 1.37 16.37
N GLY A 4 -8.38 2.31 15.92
CA GLY A 4 -7.89 3.46 15.20
C GLY A 4 -7.96 3.28 13.69
N SER A 5 -9.11 2.84 13.21
CA SER A 5 -9.30 2.62 11.78
C SER A 5 -10.52 3.38 11.26
N SER A 6 -10.34 4.67 10.99
CA SER A 6 -11.43 5.50 10.50
C SER A 6 -11.47 5.50 8.97
N GLY A 7 -10.36 5.88 8.36
CA GLY A 7 -10.30 5.91 6.91
C GLY A 7 -9.72 4.64 6.32
N ILE A 8 -10.12 4.31 5.10
CA ILE A 8 -9.64 3.11 4.43
C ILE A 8 -8.32 3.37 3.71
N LEU A 9 -7.30 2.58 4.03
CA LEU A 9 -5.99 2.73 3.40
C LEU A 9 -5.81 1.72 2.27
N LEU A 10 -4.91 2.03 1.35
CA LEU A 10 -4.63 1.15 0.22
C LEU A 10 -3.64 0.05 0.61
N LYS A 11 -4.14 -1.15 0.78
CA LYS A 11 -3.30 -2.29 1.14
C LYS A 11 -2.65 -2.90 -0.09
N CYS A 12 -1.34 -3.14 -0.01
CA CYS A 12 -0.60 -3.72 -1.12
C CYS A 12 -1.14 -5.10 -1.47
N PRO A 13 -1.29 -5.38 -2.77
CA PRO A 13 -1.80 -6.66 -3.26
C PRO A 13 -0.80 -7.79 -3.05
N THR A 14 0.49 -7.46 -3.10
CA THR A 14 1.53 -8.46 -2.91
C THR A 14 1.16 -9.46 -1.83
N ASP A 15 1.24 -10.74 -2.16
CA ASP A 15 0.91 -11.79 -1.21
C ASP A 15 1.92 -11.84 -0.07
N GLY A 16 1.53 -11.33 1.09
CA GLY A 16 2.42 -11.32 2.23
C GLY A 16 3.06 -9.96 2.45
N CYS A 17 2.28 -8.91 2.28
CA CYS A 17 2.79 -7.55 2.46
C CYS A 17 1.84 -6.73 3.35
N ASP A 18 2.41 -6.07 4.35
CA ASP A 18 1.62 -5.25 5.26
C ASP A 18 1.89 -3.76 5.02
N TYR A 19 1.93 -3.37 3.76
CA TYR A 19 2.17 -1.98 3.40
C TYR A 19 0.88 -1.29 2.99
N SER A 20 0.61 -0.13 3.61
CA SER A 20 -0.59 0.63 3.32
C SER A 20 -0.30 2.13 3.34
N THR A 21 -1.09 2.88 2.58
CA THR A 21 -0.91 4.33 2.51
C THR A 21 -2.12 4.99 1.84
N PRO A 22 -2.51 6.17 2.35
CA PRO A 22 -3.65 6.93 1.82
C PRO A 22 -3.36 7.51 0.44
N ASP A 23 -2.09 7.50 0.05
CA ASP A 23 -1.68 8.03 -1.24
C ASP A 23 -1.55 6.91 -2.27
N LYS A 24 -2.20 7.10 -3.41
CA LYS A 24 -2.16 6.10 -4.48
C LYS A 24 -0.77 6.02 -5.10
N TYR A 25 -0.10 7.16 -5.19
CA TYR A 25 1.24 7.22 -5.76
C TYR A 25 2.25 6.49 -4.87
N LYS A 26 2.22 6.79 -3.58
CA LYS A 26 3.12 6.17 -2.62
C LYS A 26 3.02 4.64 -2.69
N LEU A 27 1.94 4.16 -3.29
CA LEU A 27 1.72 2.72 -3.43
C LEU A 27 2.41 2.19 -4.68
N GLN A 28 1.99 2.68 -5.83
CA GLN A 28 2.57 2.25 -7.11
C GLN A 28 4.09 2.15 -7.01
N ALA A 29 4.69 3.12 -6.33
CA ALA A 29 6.14 3.14 -6.16
C ALA A 29 6.60 2.00 -5.27
N HIS A 30 5.79 1.67 -4.26
CA HIS A 30 6.12 0.59 -3.34
C HIS A 30 5.97 -0.77 -4.01
N LEU A 31 4.99 -0.88 -4.90
CA LEU A 31 4.74 -2.13 -5.61
C LEU A 31 5.98 -2.56 -6.40
N LYS A 32 6.95 -1.66 -6.51
CA LYS A 32 8.18 -1.94 -7.24
C LYS A 32 9.22 -2.58 -6.32
N VAL A 33 9.04 -2.39 -5.01
CA VAL A 33 9.96 -2.95 -4.04
C VAL A 33 9.97 -4.47 -4.10
N HIS A 34 8.95 -5.05 -4.72
CA HIS A 34 8.85 -6.49 -4.85
C HIS A 34 9.50 -6.97 -6.15
N THR A 35 8.95 -6.54 -7.28
CA THR A 35 9.48 -6.92 -8.58
C THR A 35 10.94 -6.50 -8.73
N ALA A 36 11.26 -5.32 -8.21
CA ALA A 36 12.62 -4.79 -8.28
C ALA A 36 13.55 -5.55 -7.35
N LEU A 37 14.72 -5.93 -7.86
CA LEU A 37 15.70 -6.67 -7.07
C LEU A 37 17.01 -5.89 -6.97
N ASP A 38 16.90 -4.58 -6.84
CA ASP A 38 18.08 -3.72 -6.72
C ASP A 38 18.75 -3.90 -5.37
ZN ZN B . 4.06 -4.52 -1.04
N GLY A 1 -9.77 -6.51 15.67
CA GLY A 1 -9.61 -5.08 15.54
C GLY A 1 -8.49 -4.71 14.59
N SER A 2 -7.43 -4.10 15.13
CA SER A 2 -6.29 -3.69 14.32
C SER A 2 -6.73 -2.80 13.16
N SER A 3 -7.65 -1.88 13.46
CA SER A 3 -8.16 -0.96 12.44
C SER A 3 -8.90 0.20 13.09
N GLY A 4 -8.54 1.42 12.68
CA GLY A 4 -9.19 2.60 13.23
C GLY A 4 -8.50 3.88 12.81
N SER A 5 -8.57 4.19 11.51
CA SER A 5 -7.95 5.39 10.98
C SER A 5 -8.87 6.10 10.00
N SER A 6 -8.87 7.43 10.04
CA SER A 6 -9.71 8.22 9.16
C SER A 6 -9.44 7.89 7.69
N GLY A 7 -10.48 7.47 6.98
CA GLY A 7 -10.33 7.13 5.58
C GLY A 7 -9.78 5.73 5.38
N ILE A 8 -9.96 5.19 4.18
CA ILE A 8 -9.48 3.85 3.87
C ILE A 8 -8.11 3.90 3.20
N LEU A 9 -7.18 3.13 3.73
CA LEU A 9 -5.83 3.09 3.17
C LEU A 9 -5.71 1.99 2.11
N LEU A 10 -4.76 2.17 1.19
CA LEU A 10 -4.55 1.19 0.13
C LEU A 10 -3.62 0.07 0.60
N LYS A 11 -4.19 -1.11 0.80
CA LYS A 11 -3.43 -2.27 1.23
C LYS A 11 -2.74 -2.96 0.05
N CYS A 12 -1.42 -3.04 0.10
CA CYS A 12 -0.65 -3.66 -0.97
C CYS A 12 -1.26 -5.01 -1.36
N PRO A 13 -1.32 -5.26 -2.68
CA PRO A 13 -1.88 -6.51 -3.20
C PRO A 13 -1.00 -7.72 -2.91
N THR A 14 0.31 -7.49 -2.86
CA THR A 14 1.27 -8.56 -2.59
C THR A 14 0.84 -9.38 -1.38
N ASP A 15 0.77 -10.69 -1.55
CA ASP A 15 0.37 -11.59 -0.47
C ASP A 15 1.24 -11.37 0.77
N GLY A 16 2.52 -11.68 0.65
CA GLY A 16 3.43 -11.50 1.77
C GLY A 16 3.83 -10.06 1.98
N CYS A 17 2.83 -9.19 2.17
CA CYS A 17 3.08 -7.77 2.38
C CYS A 17 1.94 -7.14 3.17
N ASP A 18 2.30 -6.28 4.12
CA ASP A 18 1.31 -5.61 4.95
C ASP A 18 1.50 -4.09 4.90
N TYR A 19 1.80 -3.58 3.71
CA TYR A 19 2.01 -2.15 3.53
C TYR A 19 0.72 -1.45 3.15
N SER A 20 0.43 -0.34 3.83
CA SER A 20 -0.78 0.42 3.57
C SER A 20 -0.51 1.92 3.65
N THR A 21 -1.09 2.67 2.71
CA THR A 21 -0.91 4.11 2.66
C THR A 21 -2.07 4.79 1.94
N PRO A 22 -2.49 5.95 2.46
CA PRO A 22 -3.60 6.72 1.89
C PRO A 22 -3.23 7.34 0.55
N ASP A 23 -1.94 7.27 0.19
CA ASP A 23 -1.46 7.83 -1.06
C ASP A 23 -1.48 6.78 -2.16
N LYS A 24 -2.04 7.13 -3.32
CA LYS A 24 -2.12 6.23 -4.45
C LYS A 24 -0.78 6.13 -5.17
N TYR A 25 -0.12 7.27 -5.33
CA TYR A 25 1.17 7.32 -6.00
C TYR A 25 2.23 6.58 -5.19
N LYS A 26 2.23 6.81 -3.88
CA LYS A 26 3.19 6.17 -2.99
C LYS A 26 3.17 4.65 -3.16
N LEU A 27 1.97 4.08 -3.18
CA LEU A 27 1.81 2.63 -3.35
C LEU A 27 2.48 2.16 -4.63
N GLN A 28 2.06 2.73 -5.75
CA GLN A 28 2.63 2.37 -7.04
C GLN A 28 4.14 2.20 -6.96
N ALA A 29 4.80 3.15 -6.31
CA ALA A 29 6.25 3.11 -6.15
C ALA A 29 6.67 1.96 -5.24
N HIS A 30 5.82 1.64 -4.27
CA HIS A 30 6.11 0.56 -3.34
C HIS A 30 6.00 -0.80 -4.02
N LEU A 31 4.93 -0.99 -4.79
CA LEU A 31 4.70 -2.23 -5.51
C LEU A 31 5.95 -2.64 -6.31
N LYS A 32 6.83 -1.67 -6.53
CA LYS A 32 8.06 -1.93 -7.27
C LYS A 32 9.12 -2.57 -6.39
N VAL A 33 9.09 -2.24 -5.10
CA VAL A 33 10.04 -2.80 -4.15
C VAL A 33 10.04 -4.32 -4.19
N HIS A 34 8.93 -4.89 -4.66
CA HIS A 34 8.80 -6.34 -4.76
C HIS A 34 9.41 -6.86 -6.05
N THR A 35 9.04 -6.23 -7.17
CA THR A 35 9.54 -6.63 -8.48
C THR A 35 10.86 -5.93 -8.79
N ALA A 36 11.70 -5.78 -7.77
CA ALA A 36 12.99 -5.12 -7.94
C ALA A 36 14.13 -6.04 -7.49
N LEU A 37 13.82 -6.99 -6.61
CA LEU A 37 14.81 -7.92 -6.10
C LEU A 37 16.07 -7.19 -5.67
N ASP A 38 15.89 -6.07 -4.97
CA ASP A 38 17.02 -5.28 -4.48
C ASP A 38 17.38 -5.66 -3.05
ZN ZN B . 4.01 -4.46 -0.83
N GLY A 1 -17.08 1.04 17.22
CA GLY A 1 -16.52 2.21 16.55
C GLY A 1 -17.01 2.36 15.13
N SER A 2 -17.36 3.58 14.75
CA SER A 2 -17.84 3.86 13.40
C SER A 2 -16.74 4.42 12.52
N SER A 3 -16.98 4.44 11.21
CA SER A 3 -16.00 4.94 10.26
C SER A 3 -15.45 6.29 10.70
N GLY A 4 -14.16 6.50 10.50
CA GLY A 4 -13.53 7.76 10.90
C GLY A 4 -12.07 7.81 10.53
N SER A 5 -11.76 8.30 9.33
CA SER A 5 -10.40 8.40 8.87
C SER A 5 -10.26 9.48 7.80
N SER A 6 -9.08 10.09 7.73
CA SER A 6 -8.82 11.14 6.76
C SER A 6 -9.01 10.62 5.34
N GLY A 7 -8.33 9.52 5.01
CA GLY A 7 -8.44 8.94 3.68
C GLY A 7 -8.53 7.43 3.73
N ILE A 8 -8.71 6.82 2.55
CA ILE A 8 -8.81 5.37 2.46
C ILE A 8 -7.44 4.73 2.34
N LEU A 9 -7.13 3.83 3.28
CA LEU A 9 -5.84 3.14 3.27
C LEU A 9 -5.78 2.09 2.16
N LEU A 10 -4.77 2.21 1.31
CA LEU A 10 -4.59 1.28 0.20
C LEU A 10 -3.66 0.13 0.59
N LYS A 11 -4.23 -1.06 0.73
CA LYS A 11 -3.45 -2.23 1.09
C LYS A 11 -2.77 -2.85 -0.13
N CYS A 12 -1.45 -2.95 -0.08
CA CYS A 12 -0.68 -3.51 -1.17
C CYS A 12 -1.29 -4.83 -1.65
N PRO A 13 -1.41 -4.99 -2.98
CA PRO A 13 -1.97 -6.20 -3.58
C PRO A 13 -1.06 -7.42 -3.42
N THR A 14 0.20 -7.16 -3.05
CA THR A 14 1.17 -8.23 -2.85
C THR A 14 0.83 -9.06 -1.63
N ASP A 15 0.58 -10.35 -1.85
CA ASP A 15 0.24 -11.26 -0.76
C ASP A 15 1.29 -11.20 0.35
N GLY A 16 0.85 -11.31 1.59
CA GLY A 16 1.76 -11.27 2.71
C GLY A 16 2.16 -9.85 3.08
N CYS A 17 2.41 -9.03 2.07
CA CYS A 17 2.80 -7.64 2.28
C CYS A 17 1.76 -6.90 3.11
N ASP A 18 2.22 -6.23 4.16
CA ASP A 18 1.32 -5.47 5.03
C ASP A 18 1.57 -3.97 4.91
N TYR A 19 1.85 -3.53 3.69
CA TYR A 19 2.11 -2.12 3.44
C TYR A 19 0.84 -1.40 3.01
N SER A 20 0.49 -0.34 3.73
CA SER A 20 -0.70 0.44 3.42
C SER A 20 -0.43 1.93 3.55
N THR A 21 -0.96 2.71 2.62
CA THR A 21 -0.77 4.16 2.61
C THR A 21 -1.97 4.87 2.00
N PRO A 22 -2.32 6.04 2.57
CA PRO A 22 -3.44 6.85 2.09
C PRO A 22 -3.17 7.47 0.72
N ASP A 23 -1.93 7.40 0.28
CA ASP A 23 -1.54 7.95 -1.02
C ASP A 23 -1.43 6.85 -2.06
N LYS A 24 -2.15 7.02 -3.17
CA LYS A 24 -2.14 6.05 -4.25
C LYS A 24 -0.78 6.00 -4.93
N TYR A 25 -0.33 7.14 -5.44
CA TYR A 25 0.96 7.23 -6.11
C TYR A 25 2.05 6.53 -5.30
N LYS A 26 2.09 6.83 -4.00
CA LYS A 26 3.08 6.23 -3.11
C LYS A 26 3.07 4.70 -3.25
N LEU A 27 1.89 4.11 -3.20
CA LEU A 27 1.74 2.67 -3.30
C LEU A 27 2.46 2.15 -4.55
N GLN A 28 2.14 2.72 -5.71
CA GLN A 28 2.75 2.32 -6.96
C GLN A 28 4.26 2.25 -6.83
N ALA A 29 4.85 3.26 -6.21
CA ALA A 29 6.29 3.32 -6.02
C ALA A 29 6.76 2.22 -5.07
N HIS A 30 5.82 1.68 -4.29
CA HIS A 30 6.14 0.61 -3.34
C HIS A 30 6.03 -0.75 -4.00
N LEU A 31 5.02 -0.90 -4.85
CA LEU A 31 4.81 -2.17 -5.56
C LEU A 31 6.07 -2.63 -6.26
N LYS A 32 6.95 -1.68 -6.57
CA LYS A 32 8.20 -1.99 -7.25
C LYS A 32 9.18 -2.67 -6.31
N VAL A 33 9.05 -2.38 -5.01
CA VAL A 33 9.93 -2.97 -4.00
C VAL A 33 9.92 -4.48 -4.10
N HIS A 34 8.90 -5.04 -4.74
CA HIS A 34 8.77 -6.48 -4.90
C HIS A 34 9.35 -6.93 -6.25
N THR A 35 8.89 -6.29 -7.32
CA THR A 35 9.36 -6.62 -8.66
C THR A 35 10.65 -5.86 -9.00
N ALA A 36 11.55 -5.79 -8.03
CA ALA A 36 12.82 -5.10 -8.23
C ALA A 36 14.00 -6.07 -8.14
N LEU A 37 13.79 -7.19 -7.47
CA LEU A 37 14.82 -8.19 -7.30
C LEU A 37 14.31 -9.58 -7.71
N ASP A 38 13.27 -10.03 -7.02
CA ASP A 38 12.68 -11.33 -7.30
C ASP A 38 11.74 -11.26 -8.50
ZN ZN B . 3.98 -4.39 -1.10
N GLY A 1 -9.67 5.84 23.55
CA GLY A 1 -10.28 6.26 22.31
C GLY A 1 -9.57 5.69 21.10
N SER A 2 -9.68 4.38 20.90
CA SER A 2 -9.05 3.73 19.77
C SER A 2 -9.87 3.89 18.50
N SER A 3 -11.16 3.58 18.61
CA SER A 3 -12.06 3.70 17.46
C SER A 3 -11.46 3.03 16.23
N GLY A 4 -10.81 1.88 16.43
CA GLY A 4 -10.21 1.17 15.33
C GLY A 4 -9.28 2.05 14.51
N SER A 5 -9.50 2.07 13.20
CA SER A 5 -8.68 2.87 12.30
C SER A 5 -9.52 3.92 11.57
N SER A 6 -8.94 5.08 11.33
CA SER A 6 -9.63 6.17 10.66
C SER A 6 -9.50 6.04 9.15
N GLY A 7 -10.50 6.55 8.43
CA GLY A 7 -10.46 6.48 6.98
C GLY A 7 -10.03 5.12 6.46
N ILE A 8 -9.79 5.03 5.16
CA ILE A 8 -9.37 3.77 4.55
C ILE A 8 -7.97 3.89 3.94
N LEU A 9 -7.22 2.80 3.98
CA LEU A 9 -5.87 2.78 3.43
C LEU A 9 -5.74 1.70 2.36
N LEU A 10 -4.87 1.96 1.38
CA LEU A 10 -4.65 1.02 0.30
C LEU A 10 -3.67 -0.09 0.73
N LYS A 11 -4.17 -1.31 0.80
CA LYS A 11 -3.35 -2.45 1.19
C LYS A 11 -2.60 -3.03 0.00
N CYS A 12 -1.28 -3.07 0.09
CA CYS A 12 -0.44 -3.59 -0.98
C CYS A 12 -0.96 -4.95 -1.45
N PRO A 13 -1.03 -5.13 -2.78
CA PRO A 13 -1.49 -6.39 -3.38
C PRO A 13 -0.50 -7.53 -3.17
N THR A 14 0.71 -7.19 -2.74
CA THR A 14 1.75 -8.19 -2.51
C THR A 14 1.38 -9.10 -1.34
N ASP A 15 1.16 -10.37 -1.64
CA ASP A 15 0.80 -11.34 -0.61
C ASP A 15 1.81 -11.32 0.54
N GLY A 16 1.30 -11.27 1.76
CA GLY A 16 2.17 -11.24 2.93
C GLY A 16 2.56 -9.84 3.31
N CYS A 17 2.83 -9.00 2.32
CA CYS A 17 3.23 -7.61 2.56
C CYS A 17 2.17 -6.88 3.39
N ASP A 18 2.63 -6.16 4.41
CA ASP A 18 1.72 -5.42 5.28
C ASP A 18 1.92 -3.92 5.10
N TYR A 19 2.16 -3.49 3.86
CA TYR A 19 2.36 -2.08 3.56
C TYR A 19 1.07 -1.44 3.09
N SER A 20 0.70 -0.32 3.72
CA SER A 20 -0.51 0.39 3.37
C SER A 20 -0.29 1.90 3.44
N THR A 21 -1.06 2.64 2.65
CA THR A 21 -0.95 4.10 2.62
C THR A 21 -2.18 4.73 1.97
N PRO A 22 -2.61 5.88 2.51
CA PRO A 22 -3.77 6.61 1.99
C PRO A 22 -3.50 7.23 0.62
N ASP A 23 -2.24 7.18 0.19
CA ASP A 23 -1.86 7.74 -1.11
C ASP A 23 -1.79 6.64 -2.17
N LYS A 24 -2.18 6.99 -3.39
CA LYS A 24 -2.16 6.03 -4.49
C LYS A 24 -0.79 5.98 -5.15
N TYR A 25 -0.30 7.15 -5.57
CA TYR A 25 1.00 7.24 -6.22
C TYR A 25 2.09 6.60 -5.36
N LYS A 26 2.17 7.04 -4.10
CA LYS A 26 3.16 6.51 -3.17
C LYS A 26 3.15 4.98 -3.18
N LEU A 27 1.96 4.41 -3.27
CA LEU A 27 1.82 2.95 -3.29
C LEU A 27 2.52 2.35 -4.50
N GLN A 28 2.23 2.91 -5.68
CA GLN A 28 2.85 2.42 -6.91
C GLN A 28 4.35 2.30 -6.76
N ALA A 29 4.97 3.31 -6.16
CA ALA A 29 6.42 3.31 -5.96
C ALA A 29 6.84 2.18 -5.01
N HIS A 30 5.89 1.69 -4.22
CA HIS A 30 6.16 0.62 -3.27
C HIS A 30 6.00 -0.75 -3.95
N LEU A 31 5.02 -0.85 -4.84
CA LEU A 31 4.76 -2.11 -5.54
C LEU A 31 6.01 -2.58 -6.28
N LYS A 32 6.90 -1.65 -6.59
CA LYS A 32 8.13 -1.97 -7.29
C LYS A 32 9.13 -2.65 -6.35
N VAL A 33 8.95 -2.44 -5.05
CA VAL A 33 9.82 -3.04 -4.05
C VAL A 33 9.81 -4.56 -4.14
N HIS A 34 8.70 -5.11 -4.62
CA HIS A 34 8.56 -6.55 -4.76
C HIS A 34 8.95 -7.01 -6.17
N THR A 35 8.31 -6.42 -7.17
CA THR A 35 8.60 -6.76 -8.56
C THR A 35 9.77 -5.93 -9.10
N ALA A 36 10.78 -5.73 -8.27
CA ALA A 36 11.95 -4.96 -8.66
C ALA A 36 12.70 -5.64 -9.81
N LEU A 37 13.17 -4.83 -10.75
CA LEU A 37 13.89 -5.36 -11.91
C LEU A 37 15.16 -6.08 -11.48
N ASP A 38 15.51 -5.93 -10.20
CA ASP A 38 16.70 -6.58 -9.65
C ASP A 38 16.57 -8.09 -9.70
ZN ZN B . 4.23 -4.11 -0.66
N GLY A 1 -17.76 12.43 18.48
CA GLY A 1 -16.62 11.67 18.95
C GLY A 1 -16.18 10.60 17.97
N SER A 2 -17.13 9.75 17.57
CA SER A 2 -16.83 8.67 16.63
C SER A 2 -15.88 9.15 15.54
N SER A 3 -16.26 10.22 14.85
CA SER A 3 -15.44 10.77 13.78
C SER A 3 -13.98 10.88 14.21
N GLY A 4 -13.07 10.49 13.33
CA GLY A 4 -11.66 10.55 13.63
C GLY A 4 -10.85 9.55 12.83
N SER A 5 -10.08 10.05 11.87
CA SER A 5 -9.25 9.19 11.03
C SER A 5 -10.12 8.21 10.25
N SER A 6 -11.20 8.71 9.68
CA SER A 6 -12.11 7.89 8.90
C SER A 6 -11.69 7.85 7.43
N GLY A 7 -10.86 6.87 7.09
CA GLY A 7 -10.39 6.73 5.72
C GLY A 7 -9.76 5.38 5.46
N ILE A 8 -10.11 4.78 4.32
CA ILE A 8 -9.57 3.47 3.95
C ILE A 8 -8.22 3.61 3.25
N LEU A 9 -7.21 2.96 3.80
CA LEU A 9 -5.87 3.00 3.23
C LEU A 9 -5.70 1.95 2.13
N LEU A 10 -4.75 2.19 1.23
CA LEU A 10 -4.50 1.25 0.15
C LEU A 10 -3.53 0.15 0.58
N LYS A 11 -4.07 -1.05 0.74
CA LYS A 11 -3.27 -2.19 1.16
C LYS A 11 -2.56 -2.82 -0.04
N CYS A 12 -1.24 -3.02 0.09
CA CYS A 12 -0.45 -3.61 -0.98
C CYS A 12 -1.02 -4.96 -1.40
N PRO A 13 -1.11 -5.18 -2.71
CA PRO A 13 -1.64 -6.44 -3.27
C PRO A 13 -0.69 -7.61 -3.03
N THR A 14 0.58 -7.31 -2.79
CA THR A 14 1.57 -8.34 -2.55
C THR A 14 1.22 -9.19 -1.33
N ASP A 15 0.95 -10.46 -1.56
CA ASP A 15 0.59 -11.37 -0.47
C ASP A 15 1.55 -11.23 0.70
N GLY A 16 1.00 -11.26 1.91
CA GLY A 16 1.83 -11.12 3.10
C GLY A 16 2.18 -9.68 3.41
N CYS A 17 2.60 -8.95 2.38
CA CYS A 17 2.98 -7.55 2.54
C CYS A 17 1.90 -6.79 3.30
N ASP A 18 2.30 -6.18 4.43
CA ASP A 18 1.37 -5.42 5.25
C ASP A 18 1.62 -3.92 5.12
N TYR A 19 1.88 -3.48 3.90
CA TYR A 19 2.14 -2.08 3.63
C TYR A 19 0.88 -1.37 3.14
N SER A 20 0.54 -0.27 3.81
CA SER A 20 -0.65 0.50 3.45
C SER A 20 -0.34 1.99 3.39
N THR A 21 -1.08 2.72 2.57
CA THR A 21 -0.88 4.15 2.42
C THR A 21 -2.13 4.84 1.87
N PRO A 22 -2.42 6.03 2.38
CA PRO A 22 -3.59 6.82 1.95
C PRO A 22 -3.45 7.34 0.52
N ASP A 23 -2.21 7.44 0.05
CA ASP A 23 -1.94 7.93 -1.29
C ASP A 23 -1.92 6.78 -2.29
N LYS A 24 -2.34 7.07 -3.52
CA LYS A 24 -2.39 6.06 -4.57
C LYS A 24 -1.08 6.04 -5.36
N TYR A 25 -0.32 7.12 -5.28
CA TYR A 25 0.95 7.23 -5.99
C TYR A 25 2.08 6.63 -5.16
N LYS A 26 2.03 6.84 -3.85
CA LYS A 26 3.04 6.32 -2.95
C LYS A 26 3.09 4.79 -3.00
N LEU A 27 1.92 4.18 -3.10
CA LEU A 27 1.82 2.73 -3.16
C LEU A 27 2.51 2.18 -4.42
N GLN A 28 2.17 2.77 -5.56
CA GLN A 28 2.76 2.35 -6.83
C GLN A 28 4.28 2.24 -6.72
N ALA A 29 4.90 3.25 -6.13
CA ALA A 29 6.35 3.27 -5.96
C ALA A 29 6.81 2.15 -5.03
N HIS A 30 5.88 1.64 -4.22
CA HIS A 30 6.20 0.56 -3.29
C HIS A 30 6.04 -0.79 -3.96
N LEU A 31 5.04 -0.92 -4.82
CA LEU A 31 4.78 -2.17 -5.52
C LEU A 31 6.02 -2.62 -6.30
N LYS A 32 6.93 -1.68 -6.55
CA LYS A 32 8.16 -1.98 -7.27
C LYS A 32 9.17 -2.68 -6.36
N VAL A 33 9.03 -2.47 -5.06
CA VAL A 33 9.93 -3.08 -4.09
C VAL A 33 9.92 -4.60 -4.20
N HIS A 34 8.87 -5.13 -4.82
CA HIS A 34 8.73 -6.57 -5.01
C HIS A 34 9.30 -7.00 -6.36
N THR A 35 10.17 -6.18 -6.91
CA THR A 35 10.78 -6.48 -8.20
C THR A 35 12.26 -6.82 -8.05
N ALA A 36 12.93 -6.13 -7.13
CA ALA A 36 14.34 -6.37 -6.88
C ALA A 36 14.56 -7.72 -6.20
N LEU A 37 14.39 -8.79 -6.97
CA LEU A 37 14.57 -10.14 -6.45
C LEU A 37 14.96 -11.11 -7.56
N ASP A 38 15.99 -11.91 -7.31
CA ASP A 38 16.47 -12.87 -8.29
C ASP A 38 16.15 -14.29 -7.85
ZN ZN B . 4.19 -4.50 -0.82
N GLY A 1 -15.92 5.13 6.35
CA GLY A 1 -16.74 4.38 7.30
C GLY A 1 -17.70 5.27 8.06
N SER A 2 -18.38 4.70 9.05
CA SER A 2 -19.33 5.45 9.86
C SER A 2 -18.71 5.86 11.19
N SER A 3 -17.46 6.30 11.14
CA SER A 3 -16.75 6.71 12.35
C SER A 3 -16.64 8.23 12.41
N GLY A 4 -16.05 8.83 11.38
CA GLY A 4 -15.88 10.27 11.34
C GLY A 4 -15.56 10.77 9.94
N SER A 5 -14.44 11.48 9.82
CA SER A 5 -14.02 12.03 8.53
C SER A 5 -12.57 11.66 8.23
N SER A 6 -12.38 10.77 7.26
CA SER A 6 -11.06 10.32 6.88
C SER A 6 -11.08 9.71 5.48
N GLY A 7 -9.90 9.33 5.00
CA GLY A 7 -9.80 8.73 3.68
C GLY A 7 -9.67 7.22 3.73
N ILE A 8 -9.46 6.60 2.57
CA ILE A 8 -9.32 5.16 2.49
C ILE A 8 -7.87 4.76 2.26
N LEU A 9 -7.41 3.76 3.01
CA LEU A 9 -6.04 3.28 2.88
C LEU A 9 -5.93 2.22 1.79
N LEU A 10 -4.79 2.18 1.12
CA LEU A 10 -4.56 1.21 0.06
C LEU A 10 -3.63 0.10 0.52
N LYS A 11 -4.20 -1.08 0.76
CA LYS A 11 -3.41 -2.23 1.22
C LYS A 11 -2.77 -2.94 0.03
N CYS A 12 -1.44 -2.88 -0.03
CA CYS A 12 -0.70 -3.52 -1.11
C CYS A 12 -1.34 -4.84 -1.51
N PRO A 13 -1.44 -5.07 -2.82
CA PRO A 13 -2.03 -6.30 -3.37
C PRO A 13 -1.17 -7.53 -3.12
N THR A 14 0.14 -7.31 -3.01
CA THR A 14 1.07 -8.40 -2.78
C THR A 14 0.68 -9.21 -1.55
N ASP A 15 0.16 -10.42 -1.78
CA ASP A 15 -0.25 -11.29 -0.69
C ASP A 15 0.69 -11.15 0.51
N GLY A 16 1.93 -11.55 0.32
CA GLY A 16 2.91 -11.47 1.39
C GLY A 16 3.39 -10.05 1.64
N CYS A 17 2.44 -9.15 1.90
CA CYS A 17 2.78 -7.75 2.15
C CYS A 17 1.65 -7.06 2.93
N ASP A 18 2.03 -6.30 3.96
CA ASP A 18 1.06 -5.59 4.77
C ASP A 18 1.34 -4.08 4.76
N TYR A 19 1.63 -3.56 3.58
CA TYR A 19 1.91 -2.13 3.43
C TYR A 19 0.67 -1.36 3.00
N SER A 20 0.33 -0.33 3.78
CA SER A 20 -0.85 0.48 3.49
C SER A 20 -0.52 1.96 3.62
N THR A 21 -1.08 2.76 2.71
CA THR A 21 -0.84 4.21 2.72
C THR A 21 -1.94 4.95 1.97
N PRO A 22 -2.35 6.10 2.51
CA PRO A 22 -3.41 6.93 1.91
C PRO A 22 -2.96 7.59 0.60
N ASP A 23 -1.73 7.27 0.19
CA ASP A 23 -1.19 7.82 -1.04
C ASP A 23 -1.27 6.82 -2.18
N LYS A 24 -2.09 7.13 -3.18
CA LYS A 24 -2.27 6.25 -4.33
C LYS A 24 -1.01 6.22 -5.19
N TYR A 25 -0.22 7.30 -5.12
CA TYR A 25 1.01 7.39 -5.89
C TYR A 25 2.17 6.73 -5.15
N LYS A 26 2.14 6.82 -3.82
CA LYS A 26 3.18 6.23 -3.00
C LYS A 26 3.17 4.70 -3.11
N LEU A 27 1.98 4.13 -3.20
CA LEU A 27 1.82 2.69 -3.32
C LEU A 27 2.47 2.17 -4.60
N GLN A 28 2.02 2.69 -5.73
CA GLN A 28 2.55 2.27 -7.02
C GLN A 28 4.07 2.10 -6.95
N ALA A 29 4.74 3.08 -6.38
CA ALA A 29 6.20 3.04 -6.25
C ALA A 29 6.63 1.88 -5.34
N HIS A 30 5.84 1.64 -4.30
CA HIS A 30 6.14 0.57 -3.34
C HIS A 30 6.02 -0.80 -4.02
N LEU A 31 5.02 -0.93 -4.89
CA LEU A 31 4.80 -2.19 -5.60
C LEU A 31 6.04 -2.61 -6.37
N LYS A 32 6.98 -1.69 -6.53
CA LYS A 32 8.22 -1.97 -7.25
C LYS A 32 9.23 -2.64 -6.32
N VAL A 33 9.14 -2.36 -5.03
CA VAL A 33 10.04 -2.94 -4.05
C VAL A 33 10.10 -4.45 -4.19
N HIS A 34 9.00 -5.05 -4.65
CA HIS A 34 8.93 -6.49 -4.83
C HIS A 34 9.54 -6.91 -6.17
N THR A 35 9.19 -6.19 -7.23
CA THR A 35 9.71 -6.48 -8.55
C THR A 35 11.00 -5.73 -8.82
N ALA A 36 11.81 -5.58 -7.78
CA ALA A 36 13.10 -4.89 -7.90
C ALA A 36 14.26 -5.85 -7.77
N LEU A 37 15.35 -5.55 -8.47
CA LEU A 37 16.54 -6.40 -8.44
C LEU A 37 17.45 -6.00 -7.28
N ASP A 38 16.85 -5.77 -6.11
CA ASP A 38 17.62 -5.39 -4.93
C ASP A 38 17.18 -6.21 -3.71
ZN ZN B . 3.96 -4.47 -1.08
N GLY A 1 -12.99 11.16 -6.02
CA GLY A 1 -14.39 11.54 -6.16
C GLY A 1 -14.57 12.78 -7.02
N SER A 2 -14.66 13.94 -6.38
CA SER A 2 -14.83 15.19 -7.10
C SER A 2 -13.50 15.74 -7.59
N SER A 3 -12.50 15.69 -6.72
CA SER A 3 -11.17 16.18 -7.06
C SER A 3 -10.09 15.16 -6.67
N GLY A 4 -10.38 13.89 -6.95
CA GLY A 4 -9.43 12.84 -6.62
C GLY A 4 -9.26 12.64 -5.13
N SER A 5 -10.36 12.30 -4.45
CA SER A 5 -10.34 12.09 -3.01
C SER A 5 -10.02 10.64 -2.67
N SER A 6 -9.57 10.41 -1.45
CA SER A 6 -9.23 9.06 -1.00
C SER A 6 -10.19 8.59 0.09
N GLY A 7 -10.46 7.29 0.11
CA GLY A 7 -11.36 6.74 1.10
C GLY A 7 -10.62 6.07 2.24
N ILE A 8 -10.31 4.79 2.07
CA ILE A 8 -9.59 4.03 3.09
C ILE A 8 -8.19 3.67 2.64
N LEU A 9 -7.23 3.74 3.56
CA LEU A 9 -5.84 3.43 3.25
C LEU A 9 -5.75 2.26 2.27
N LEU A 10 -4.96 2.44 1.22
CA LEU A 10 -4.79 1.39 0.21
C LEU A 10 -3.85 0.30 0.72
N LYS A 11 -4.32 -0.94 0.66
CA LYS A 11 -3.52 -2.08 1.12
C LYS A 11 -2.84 -2.76 -0.06
N CYS A 12 -1.51 -2.81 -0.04
CA CYS A 12 -0.75 -3.45 -1.10
C CYS A 12 -1.38 -4.77 -1.53
N PRO A 13 -1.44 -5.01 -2.84
CA PRO A 13 -2.01 -6.23 -3.39
C PRO A 13 -1.16 -7.46 -3.11
N THR A 14 0.15 -7.26 -3.05
CA THR A 14 1.08 -8.36 -2.78
C THR A 14 0.64 -9.17 -1.57
N ASP A 15 0.16 -10.38 -1.82
CA ASP A 15 -0.29 -11.26 -0.74
C ASP A 15 0.66 -11.20 0.44
N GLY A 16 1.91 -11.56 0.21
CA GLY A 16 2.90 -11.54 1.27
C GLY A 16 3.41 -10.14 1.57
N CYS A 17 2.49 -9.21 1.77
CA CYS A 17 2.85 -7.83 2.05
C CYS A 17 1.75 -7.14 2.87
N ASP A 18 2.15 -6.39 3.88
CA ASP A 18 1.21 -5.68 4.74
C ASP A 18 1.45 -4.18 4.68
N TYR A 19 1.84 -3.69 3.51
CA TYR A 19 2.11 -2.27 3.33
C TYR A 19 0.84 -1.52 2.94
N SER A 20 0.62 -0.37 3.58
CA SER A 20 -0.55 0.44 3.31
C SER A 20 -0.20 1.93 3.33
N THR A 21 -0.92 2.71 2.51
CA THR A 21 -0.70 4.14 2.44
C THR A 21 -1.91 4.86 1.86
N PRO A 22 -2.26 6.01 2.45
CA PRO A 22 -3.39 6.82 2.01
C PRO A 22 -3.15 7.48 0.67
N ASP A 23 -1.94 7.28 0.13
CA ASP A 23 -1.58 7.86 -1.17
C ASP A 23 -1.48 6.78 -2.24
N LYS A 24 -2.28 6.92 -3.29
CA LYS A 24 -2.28 5.97 -4.38
C LYS A 24 -0.94 5.97 -5.12
N TYR A 25 -0.23 7.09 -5.02
CA TYR A 25 1.06 7.23 -5.68
C TYR A 25 2.16 6.53 -4.87
N LYS A 26 2.21 6.82 -3.58
CA LYS A 26 3.21 6.22 -2.70
C LYS A 26 3.12 4.69 -2.73
N LEU A 27 2.01 4.18 -3.27
CA LEU A 27 1.81 2.74 -3.37
C LEU A 27 2.41 2.19 -4.65
N GLN A 28 1.99 2.72 -5.79
CA GLN A 28 2.49 2.29 -7.08
C GLN A 28 4.01 2.14 -7.04
N ALA A 29 4.68 3.07 -6.37
CA ALA A 29 6.14 3.04 -6.26
C ALA A 29 6.59 1.92 -5.33
N HIS A 30 5.78 1.62 -4.33
CA HIS A 30 6.10 0.56 -3.37
C HIS A 30 5.99 -0.81 -4.02
N LEU A 31 5.06 -0.95 -4.95
CA LEU A 31 4.85 -2.22 -5.64
C LEU A 31 6.12 -2.64 -6.39
N LYS A 32 7.01 -1.68 -6.62
CA LYS A 32 8.27 -1.95 -7.31
C LYS A 32 9.30 -2.55 -6.36
N VAL A 33 9.10 -2.33 -5.07
CA VAL A 33 10.02 -2.86 -4.06
C VAL A 33 10.05 -4.38 -4.08
N HIS A 34 8.99 -4.98 -4.61
CA HIS A 34 8.89 -6.43 -4.70
C HIS A 34 9.59 -6.95 -5.96
N THR A 35 9.26 -6.35 -7.10
CA THR A 35 9.86 -6.75 -8.36
C THR A 35 11.16 -6.00 -8.63
N ALA A 36 11.97 -5.84 -7.58
CA ALA A 36 13.23 -5.15 -7.70
C ALA A 36 14.39 -6.04 -7.26
N LEU A 37 15.60 -5.71 -7.71
CA LEU A 37 16.78 -6.49 -7.37
C LEU A 37 17.07 -6.40 -5.88
N ASP A 38 17.02 -5.19 -5.34
CA ASP A 38 17.26 -4.97 -3.91
C ASP A 38 16.07 -5.42 -3.08
ZN ZN B . 3.91 -4.40 -0.99
N GLY A 1 -13.68 9.03 22.26
CA GLY A 1 -13.32 8.35 21.03
C GLY A 1 -14.40 8.46 19.97
N SER A 2 -14.05 9.02 18.82
CA SER A 2 -15.00 9.18 17.73
C SER A 2 -14.68 8.23 16.58
N SER A 3 -13.39 8.15 16.23
CA SER A 3 -12.96 7.28 15.14
C SER A 3 -13.78 7.52 13.88
N GLY A 4 -14.06 8.79 13.59
CA GLY A 4 -14.83 9.13 12.42
C GLY A 4 -13.96 9.51 11.23
N SER A 5 -12.88 8.76 11.03
CA SER A 5 -11.96 9.02 9.94
C SER A 5 -12.51 8.48 8.62
N SER A 6 -12.11 9.09 7.51
CA SER A 6 -12.58 8.68 6.19
C SER A 6 -11.42 8.63 5.21
N GLY A 7 -11.31 7.52 4.48
CA GLY A 7 -10.24 7.36 3.51
C GLY A 7 -9.57 6.00 3.60
N ILE A 8 -10.34 4.95 3.37
CA ILE A 8 -9.81 3.59 3.43
C ILE A 8 -8.38 3.54 2.88
N LEU A 9 -7.46 3.05 3.70
CA LEU A 9 -6.06 2.94 3.30
C LEU A 9 -5.90 1.97 2.15
N LEU A 10 -4.89 2.20 1.32
CA LEU A 10 -4.63 1.34 0.17
C LEU A 10 -3.63 0.24 0.52
N LYS A 11 -4.13 -0.98 0.68
CA LYS A 11 -3.28 -2.11 1.02
C LYS A 11 -2.65 -2.71 -0.23
N CYS A 12 -1.36 -3.04 -0.13
CA CYS A 12 -0.62 -3.61 -1.25
C CYS A 12 -1.16 -5.00 -1.60
N PRO A 13 -1.35 -5.25 -2.90
CA PRO A 13 -1.86 -6.53 -3.40
C PRO A 13 -0.85 -7.66 -3.22
N THR A 14 0.43 -7.34 -3.37
CA THR A 14 1.49 -8.32 -3.23
C THR A 14 1.14 -9.37 -2.17
N ASP A 15 1.15 -10.64 -2.57
CA ASP A 15 0.84 -11.72 -1.65
C ASP A 15 1.83 -11.77 -0.49
N GLY A 16 1.35 -11.43 0.70
CA GLY A 16 2.21 -11.44 1.86
C GLY A 16 2.83 -10.08 2.15
N CYS A 17 2.04 -9.03 1.95
CA CYS A 17 2.52 -7.67 2.18
C CYS A 17 1.52 -6.89 3.03
N ASP A 18 2.01 -6.27 4.10
CA ASP A 18 1.17 -5.49 4.99
C ASP A 18 1.49 -4.00 4.86
N TYR A 19 1.68 -3.55 3.63
CA TYR A 19 1.99 -2.14 3.37
C TYR A 19 0.73 -1.38 2.96
N SER A 20 0.43 -0.31 3.69
CA SER A 20 -0.73 0.51 3.41
C SER A 20 -0.40 2.00 3.51
N THR A 21 -1.01 2.80 2.66
CA THR A 21 -0.78 4.24 2.65
C THR A 21 -1.94 4.99 2.00
N PRO A 22 -2.30 6.14 2.57
CA PRO A 22 -3.39 6.97 2.06
C PRO A 22 -3.05 7.63 0.73
N ASP A 23 -1.86 7.32 0.21
CA ASP A 23 -1.41 7.89 -1.06
C ASP A 23 -1.43 6.83 -2.15
N LYS A 24 -2.14 7.13 -3.24
CA LYS A 24 -2.24 6.21 -4.37
C LYS A 24 -0.90 6.08 -5.09
N TYR A 25 -0.21 7.21 -5.24
CA TYR A 25 1.08 7.22 -5.91
C TYR A 25 2.14 6.50 -5.09
N LYS A 26 2.13 6.74 -3.78
CA LYS A 26 3.08 6.11 -2.88
C LYS A 26 3.07 4.60 -3.05
N LEU A 27 1.88 4.02 -3.11
CA LEU A 27 1.73 2.57 -3.27
C LEU A 27 2.41 2.10 -4.55
N GLN A 28 1.95 2.62 -5.68
CA GLN A 28 2.51 2.25 -6.97
C GLN A 28 4.03 2.11 -6.89
N ALA A 29 4.68 3.11 -6.31
CA ALA A 29 6.13 3.11 -6.16
C ALA A 29 6.59 1.95 -5.27
N HIS A 30 5.77 1.64 -4.26
CA HIS A 30 6.09 0.55 -3.34
C HIS A 30 5.98 -0.80 -4.02
N LEU A 31 5.03 -0.92 -4.95
CA LEU A 31 4.83 -2.16 -5.69
C LEU A 31 6.10 -2.57 -6.43
N LYS A 32 7.04 -1.64 -6.55
CA LYS A 32 8.30 -1.90 -7.23
C LYS A 32 9.30 -2.55 -6.29
N VAL A 33 9.08 -2.38 -4.99
CA VAL A 33 9.97 -2.95 -3.98
C VAL A 33 10.00 -4.48 -4.08
N HIS A 34 8.99 -5.05 -4.74
CA HIS A 34 8.91 -6.49 -4.91
C HIS A 34 9.61 -6.93 -6.18
N THR A 35 9.25 -6.32 -7.30
CA THR A 35 9.84 -6.65 -8.59
C THR A 35 11.36 -6.49 -8.54
N ALA A 36 11.82 -5.43 -7.89
CA ALA A 36 13.24 -5.16 -7.77
C ALA A 36 14.03 -6.44 -7.48
N LEU A 37 13.35 -7.43 -6.92
CA LEU A 37 13.96 -8.71 -6.60
C LEU A 37 12.92 -9.76 -6.24
N ASP A 38 12.97 -10.89 -6.92
CA ASP A 38 12.02 -11.98 -6.67
C ASP A 38 12.13 -12.46 -5.23
ZN ZN B . 4.01 -4.48 -1.18
N GLY A 1 -18.12 -3.69 5.80
CA GLY A 1 -16.92 -4.48 5.93
C GLY A 1 -15.88 -3.84 6.83
N SER A 2 -16.04 -4.05 8.14
CA SER A 2 -15.12 -3.48 9.12
C SER A 2 -14.74 -4.51 10.18
N SER A 3 -13.44 -4.66 10.42
CA SER A 3 -12.95 -5.61 11.40
C SER A 3 -11.76 -5.04 12.16
N GLY A 4 -11.76 -5.22 13.48
CA GLY A 4 -10.67 -4.71 14.29
C GLY A 4 -10.22 -3.34 13.87
N SER A 5 -9.10 -3.28 13.15
CA SER A 5 -8.55 -2.01 12.67
C SER A 5 -8.65 -1.91 11.16
N SER A 6 -9.80 -1.45 10.68
CA SER A 6 -10.03 -1.29 9.25
C SER A 6 -9.87 0.16 8.82
N GLY A 7 -8.64 0.54 8.46
CA GLY A 7 -8.37 1.89 8.04
C GLY A 7 -8.66 2.10 6.56
N ILE A 8 -8.93 3.36 6.19
CA ILE A 8 -9.22 3.69 4.79
C ILE A 8 -7.93 3.90 4.00
N LEU A 9 -7.00 2.97 4.14
CA LEU A 9 -5.73 3.05 3.44
C LEU A 9 -5.63 1.98 2.36
N LEU A 10 -4.88 2.28 1.30
CA LEU A 10 -4.71 1.34 0.20
C LEU A 10 -3.73 0.23 0.57
N LYS A 11 -4.26 -0.96 0.80
CA LYS A 11 -3.44 -2.11 1.17
C LYS A 11 -2.83 -2.77 -0.07
N CYS A 12 -1.53 -3.03 -0.03
CA CYS A 12 -0.83 -3.65 -1.14
C CYS A 12 -1.45 -5.01 -1.47
N PRO A 13 -1.62 -5.28 -2.78
CA PRO A 13 -2.19 -6.54 -3.25
C PRO A 13 -1.25 -7.72 -3.03
N THR A 14 0.05 -7.45 -3.05
CA THR A 14 1.05 -8.49 -2.87
C THR A 14 0.69 -9.39 -1.68
N ASP A 15 0.75 -10.69 -1.90
CA ASP A 15 0.43 -11.67 -0.87
C ASP A 15 1.32 -11.46 0.36
N GLY A 16 0.73 -11.54 1.54
CA GLY A 16 1.47 -11.36 2.78
C GLY A 16 1.77 -9.90 3.06
N CYS A 17 2.25 -9.18 2.06
CA CYS A 17 2.58 -7.77 2.21
C CYS A 17 1.45 -7.03 2.91
N ASP A 18 1.78 -6.35 4.00
CA ASP A 18 0.80 -5.60 4.77
C ASP A 18 1.08 -4.10 4.69
N TYR A 19 1.56 -3.65 3.53
CA TYR A 19 1.87 -2.24 3.33
C TYR A 19 0.63 -1.45 2.93
N SER A 20 0.42 -0.32 3.58
CA SER A 20 -0.73 0.53 3.29
C SER A 20 -0.37 2.01 3.43
N THR A 21 -0.98 2.84 2.58
CA THR A 21 -0.72 4.27 2.60
C THR A 21 -1.92 5.04 2.08
N PRO A 22 -2.17 6.22 2.67
CA PRO A 22 -3.28 7.09 2.27
C PRO A 22 -3.07 7.71 0.90
N ASP A 23 -1.94 7.39 0.27
CA ASP A 23 -1.62 7.92 -1.04
C ASP A 23 -1.63 6.82 -2.10
N LYS A 24 -2.20 7.12 -3.26
CA LYS A 24 -2.29 6.15 -4.34
C LYS A 24 -0.96 6.06 -5.09
N TYR A 25 -0.28 7.18 -5.21
CA TYR A 25 1.01 7.24 -5.90
C TYR A 25 2.07 6.47 -5.13
N LYS A 26 2.10 6.69 -3.81
CA LYS A 26 3.08 6.01 -2.96
C LYS A 26 3.05 4.50 -3.18
N LEU A 27 1.86 3.92 -3.11
CA LEU A 27 1.70 2.49 -3.31
C LEU A 27 2.43 2.03 -4.56
N GLN A 28 2.14 2.68 -5.69
CA GLN A 28 2.77 2.35 -6.96
C GLN A 28 4.28 2.22 -6.80
N ALA A 29 4.89 3.23 -6.18
CA ALA A 29 6.33 3.23 -5.96
C ALA A 29 6.75 2.12 -5.00
N HIS A 30 5.77 1.57 -4.29
CA HIS A 30 6.04 0.50 -3.34
C HIS A 30 5.91 -0.87 -4.01
N LEU A 31 5.00 -0.97 -4.96
CA LEU A 31 4.77 -2.23 -5.68
C LEU A 31 6.01 -2.64 -6.45
N LYS A 32 6.95 -1.71 -6.61
CA LYS A 32 8.19 -1.97 -7.32
C LYS A 32 9.23 -2.62 -6.41
N VAL A 33 9.14 -2.31 -5.11
CA VAL A 33 10.06 -2.87 -4.14
C VAL A 33 10.09 -4.38 -4.21
N HIS A 34 9.01 -4.97 -4.72
CA HIS A 34 8.92 -6.43 -4.84
C HIS A 34 9.62 -6.91 -6.10
N THR A 35 9.28 -6.30 -7.23
CA THR A 35 9.88 -6.67 -8.51
C THR A 35 11.18 -5.91 -8.76
N ALA A 36 11.95 -5.70 -7.69
CA ALA A 36 13.23 -4.99 -7.79
C ALA A 36 14.39 -5.88 -7.37
N LEU A 37 14.82 -6.74 -8.29
CA LEU A 37 15.94 -7.65 -8.02
C LEU A 37 17.26 -7.03 -8.43
N ASP A 38 17.44 -5.75 -8.12
CA ASP A 38 18.66 -5.04 -8.47
C ASP A 38 19.59 -4.95 -7.26
ZN ZN B . 3.82 -4.58 -1.22
N GLY A 1 -3.41 -8.73 17.50
CA GLY A 1 -2.99 -7.85 18.58
C GLY A 1 -3.81 -6.59 18.66
N SER A 2 -3.38 -5.55 17.93
CA SER A 2 -4.09 -4.27 17.93
C SER A 2 -5.21 -4.27 16.89
N SER A 3 -6.41 -3.91 17.33
CA SER A 3 -7.56 -3.86 16.45
C SER A 3 -7.78 -2.45 15.90
N GLY A 4 -8.66 -2.34 14.90
CA GLY A 4 -8.94 -1.05 14.31
C GLY A 4 -9.66 -1.16 12.98
N SER A 5 -10.71 -0.36 12.81
CA SER A 5 -11.50 -0.39 11.59
C SER A 5 -11.18 0.84 10.72
N SER A 6 -11.42 2.02 11.28
CA SER A 6 -11.17 3.27 10.56
C SER A 6 -9.81 3.24 9.89
N GLY A 7 -9.80 3.52 8.58
CA GLY A 7 -8.54 3.51 7.84
C GLY A 7 -8.74 3.12 6.39
N ILE A 8 -9.11 4.10 5.56
CA ILE A 8 -9.33 3.85 4.14
C ILE A 8 -8.01 3.87 3.36
N LEU A 9 -7.02 3.16 3.89
CA LEU A 9 -5.71 3.10 3.25
C LEU A 9 -5.65 1.98 2.22
N LEU A 10 -4.73 2.09 1.27
CA LEU A 10 -4.57 1.08 0.23
C LEU A 10 -3.64 -0.03 0.69
N LYS A 11 -4.17 -1.23 0.85
CA LYS A 11 -3.38 -2.37 1.28
C LYS A 11 -2.66 -3.01 0.09
N CYS A 12 -1.33 -3.02 0.15
CA CYS A 12 -0.51 -3.59 -0.91
C CYS A 12 -1.08 -4.93 -1.37
N PRO A 13 -1.10 -5.14 -2.68
CA PRO A 13 -1.63 -6.39 -3.28
C PRO A 13 -0.73 -7.58 -3.00
N THR A 14 0.58 -7.33 -2.91
CA THR A 14 1.55 -8.39 -2.65
C THR A 14 1.12 -9.25 -1.46
N ASP A 15 0.83 -10.52 -1.73
CA ASP A 15 0.40 -11.44 -0.69
C ASP A 15 1.29 -11.30 0.55
N GLY A 16 2.57 -11.61 0.38
CA GLY A 16 3.51 -11.52 1.49
C GLY A 16 3.91 -10.09 1.80
N CYS A 17 2.91 -9.22 1.98
CA CYS A 17 3.17 -7.82 2.28
C CYS A 17 2.02 -7.22 3.07
N ASP A 18 2.35 -6.32 4.00
CA ASP A 18 1.33 -5.67 4.82
C ASP A 18 1.52 -4.16 4.82
N TYR A 19 1.96 -3.63 3.68
CA TYR A 19 2.18 -2.20 3.54
C TYR A 19 0.90 -1.48 3.11
N SER A 20 0.59 -0.38 3.80
CA SER A 20 -0.61 0.40 3.50
C SER A 20 -0.28 1.88 3.40
N THR A 21 -0.95 2.57 2.48
CA THR A 21 -0.74 4.00 2.29
C THR A 21 -2.00 4.68 1.78
N PRO A 22 -2.27 5.89 2.29
CA PRO A 22 -3.44 6.68 1.91
C PRO A 22 -3.35 7.19 0.47
N ASP A 23 -2.14 7.51 0.04
CA ASP A 23 -1.92 8.00 -1.31
C ASP A 23 -1.93 6.87 -2.33
N LYS A 24 -2.21 7.19 -3.59
CA LYS A 24 -2.25 6.19 -4.64
C LYS A 24 -0.89 6.07 -5.32
N TYR A 25 -0.20 7.19 -5.45
CA TYR A 25 1.12 7.22 -6.09
C TYR A 25 2.17 6.56 -5.19
N LYS A 26 2.17 6.96 -3.93
CA LYS A 26 3.12 6.41 -2.95
C LYS A 26 3.12 4.88 -2.99
N LEU A 27 1.94 4.30 -3.16
CA LEU A 27 1.81 2.85 -3.22
C LEU A 27 2.46 2.29 -4.48
N GLN A 28 2.17 2.91 -5.62
CA GLN A 28 2.73 2.48 -6.90
C GLN A 28 4.24 2.32 -6.80
N ALA A 29 4.90 3.29 -6.18
CA ALA A 29 6.34 3.26 -6.01
C ALA A 29 6.77 2.14 -5.08
N HIS A 30 5.83 1.64 -4.28
CA HIS A 30 6.10 0.57 -3.34
C HIS A 30 5.96 -0.79 -4.03
N LEU A 31 4.91 -0.94 -4.81
CA LEU A 31 4.65 -2.19 -5.53
C LEU A 31 5.89 -2.65 -6.28
N LYS A 32 6.82 -1.73 -6.51
CA LYS A 32 8.06 -2.03 -7.22
C LYS A 32 9.05 -2.73 -6.29
N VAL A 33 9.04 -2.34 -5.01
CA VAL A 33 9.94 -2.93 -4.03
C VAL A 33 9.92 -4.45 -4.11
N HIS A 34 8.86 -5.00 -4.70
CA HIS A 34 8.71 -6.44 -4.84
C HIS A 34 9.24 -6.91 -6.19
N THR A 35 10.20 -6.17 -6.73
CA THR A 35 10.79 -6.52 -8.02
C THR A 35 12.31 -6.69 -7.90
N ALA A 36 12.89 -6.07 -6.88
CA ALA A 36 14.33 -6.16 -6.65
C ALA A 36 14.74 -7.58 -6.27
N LEU A 37 16.03 -7.78 -6.07
CA LEU A 37 16.55 -9.09 -5.70
C LEU A 37 17.86 -8.97 -4.93
N ASP A 38 17.96 -9.69 -3.82
CA ASP A 38 19.16 -9.65 -2.99
C ASP A 38 19.78 -11.04 -2.88
ZN ZN B . 4.13 -4.41 -0.79
N GLY A 1 -17.99 5.92 14.31
CA GLY A 1 -16.68 6.38 13.91
C GLY A 1 -16.72 7.28 12.69
N SER A 2 -15.55 7.51 12.09
CA SER A 2 -15.46 8.37 10.91
C SER A 2 -14.87 7.60 9.73
N SER A 3 -13.68 7.05 9.93
CA SER A 3 -13.00 6.30 8.88
C SER A 3 -13.21 4.80 9.07
N GLY A 4 -12.81 4.02 8.07
CA GLY A 4 -12.96 2.58 8.15
C GLY A 4 -11.68 1.88 8.53
N SER A 5 -10.88 1.51 7.54
CA SER A 5 -9.61 0.82 7.78
C SER A 5 -8.47 1.82 7.94
N SER A 6 -8.36 2.39 9.13
CA SER A 6 -7.31 3.37 9.42
C SER A 6 -7.22 4.39 8.30
N GLY A 7 -8.37 4.86 7.82
CA GLY A 7 -8.39 5.85 6.76
C GLY A 7 -8.45 5.22 5.38
N ILE A 8 -9.24 4.15 5.26
CA ILE A 8 -9.38 3.45 3.99
C ILE A 8 -8.07 3.46 3.20
N LEU A 9 -6.98 3.12 3.89
CA LEU A 9 -5.67 3.09 3.25
C LEU A 9 -5.57 1.95 2.24
N LEU A 10 -4.70 2.12 1.25
CA LEU A 10 -4.52 1.10 0.21
C LEU A 10 -3.58 0.00 0.70
N LYS A 11 -4.12 -1.21 0.84
CA LYS A 11 -3.33 -2.35 1.29
C LYS A 11 -2.60 -3.00 0.12
N CYS A 12 -1.28 -3.08 0.22
CA CYS A 12 -0.45 -3.67 -0.83
C CYS A 12 -1.00 -5.05 -1.22
N PRO A 13 -1.02 -5.31 -2.53
CA PRO A 13 -1.51 -6.59 -3.07
C PRO A 13 -0.58 -7.75 -2.76
N THR A 14 0.72 -7.45 -2.69
CA THR A 14 1.72 -8.48 -2.39
C THR A 14 1.34 -9.27 -1.15
N ASP A 15 0.93 -10.53 -1.35
CA ASP A 15 0.54 -11.38 -0.24
C ASP A 15 1.54 -11.28 0.91
N GLY A 16 1.04 -11.38 2.14
CA GLY A 16 1.90 -11.28 3.31
C GLY A 16 2.30 -9.85 3.62
N CYS A 17 2.71 -9.12 2.59
CA CYS A 17 3.13 -7.73 2.75
C CYS A 17 2.14 -6.97 3.63
N ASP A 18 2.66 -6.18 4.56
CA ASP A 18 1.84 -5.39 5.46
C ASP A 18 2.04 -3.90 5.22
N TYR A 19 2.16 -3.52 3.95
CA TYR A 19 2.35 -2.12 3.58
C TYR A 19 1.03 -1.48 3.14
N SER A 20 0.66 -0.40 3.82
CA SER A 20 -0.59 0.30 3.51
C SER A 20 -0.36 1.80 3.50
N THR A 21 -1.04 2.48 2.58
CA THR A 21 -0.92 3.94 2.46
C THR A 21 -2.14 4.53 1.76
N PRO A 22 -2.59 5.70 2.24
CA PRO A 22 -3.75 6.40 1.67
C PRO A 22 -3.46 6.97 0.29
N ASP A 23 -2.18 7.23 0.02
CA ASP A 23 -1.78 7.79 -1.27
C ASP A 23 -1.77 6.70 -2.35
N LYS A 24 -2.25 7.04 -3.53
CA LYS A 24 -2.29 6.10 -4.64
C LYS A 24 -0.95 6.05 -5.37
N TYR A 25 -0.28 7.21 -5.45
CA TYR A 25 1.00 7.30 -6.12
C TYR A 25 2.09 6.62 -5.30
N LYS A 26 2.24 7.05 -4.05
CA LYS A 26 3.24 6.48 -3.16
C LYS A 26 3.21 4.95 -3.20
N LEU A 27 2.01 4.40 -3.20
CA LEU A 27 1.84 2.95 -3.24
C LEU A 27 2.52 2.35 -4.48
N GLN A 28 2.24 2.94 -5.63
CA GLN A 28 2.82 2.48 -6.89
C GLN A 28 4.33 2.34 -6.78
N ALA A 29 4.96 3.33 -6.15
CA ALA A 29 6.41 3.32 -5.98
C ALA A 29 6.84 2.22 -5.01
N HIS A 30 5.87 1.68 -4.27
CA HIS A 30 6.15 0.63 -3.30
C HIS A 30 5.96 -0.75 -3.95
N LEU A 31 4.93 -0.88 -4.76
CA LEU A 31 4.64 -2.15 -5.44
C LEU A 31 5.85 -2.62 -6.23
N LYS A 32 6.79 -1.71 -6.48
CA LYS A 32 8.00 -2.04 -7.23
C LYS A 32 9.02 -2.72 -6.33
N VAL A 33 8.95 -2.43 -5.04
CA VAL A 33 9.87 -3.01 -4.07
C VAL A 33 9.92 -4.53 -4.20
N HIS A 34 8.80 -5.12 -4.63
CA HIS A 34 8.72 -6.56 -4.81
C HIS A 34 9.17 -6.97 -6.22
N THR A 35 8.69 -6.25 -7.22
CA THR A 35 9.05 -6.53 -8.60
C THR A 35 10.39 -5.91 -8.97
N ALA A 36 11.33 -5.94 -8.02
CA ALA A 36 12.66 -5.37 -8.25
C ALA A 36 13.74 -6.41 -8.03
N LEU A 37 13.41 -7.45 -7.25
CA LEU A 37 14.37 -8.51 -6.97
C LEU A 37 13.74 -9.88 -7.20
N ASP A 38 12.97 -9.99 -8.29
CA ASP A 38 12.31 -11.24 -8.63
C ASP A 38 12.91 -11.84 -9.89
ZN ZN B . 4.22 -4.40 -0.62
N GLY A 1 -2.35 10.62 16.45
CA GLY A 1 -3.13 11.83 16.20
C GLY A 1 -4.10 11.66 15.05
N SER A 2 -5.07 10.77 15.22
CA SER A 2 -6.07 10.51 14.18
C SER A 2 -7.45 11.01 14.62
N SER A 3 -8.38 11.05 13.67
CA SER A 3 -9.74 11.51 13.95
C SER A 3 -10.65 10.33 14.27
N GLY A 4 -10.56 9.29 13.46
CA GLY A 4 -11.39 8.11 13.67
C GLY A 4 -11.69 7.38 12.37
N SER A 5 -12.97 7.37 12.00
CA SER A 5 -13.40 6.70 10.78
C SER A 5 -13.29 7.64 9.57
N SER A 6 -12.13 7.65 8.94
CA SER A 6 -11.90 8.50 7.78
C SER A 6 -11.94 7.69 6.49
N GLY A 7 -11.14 6.63 6.44
CA GLY A 7 -11.10 5.78 5.26
C GLY A 7 -10.00 4.74 5.33
N ILE A 8 -10.19 3.65 4.59
CA ILE A 8 -9.20 2.57 4.57
C ILE A 8 -8.12 2.83 3.53
N LEU A 9 -6.87 2.87 3.98
CA LEU A 9 -5.74 3.10 3.09
C LEU A 9 -5.66 2.02 2.02
N LEU A 10 -4.69 2.16 1.11
CA LEU A 10 -4.51 1.20 0.03
C LEU A 10 -3.58 0.07 0.47
N LYS A 11 -4.16 -1.12 0.67
CA LYS A 11 -3.40 -2.28 1.09
C LYS A 11 -2.75 -2.96 -0.11
N CYS A 12 -1.42 -2.91 -0.16
CA CYS A 12 -0.67 -3.52 -1.25
C CYS A 12 -1.32 -4.82 -1.69
N PRO A 13 -1.43 -5.00 -3.02
CA PRO A 13 -2.03 -6.21 -3.61
C PRO A 13 -1.18 -7.44 -3.41
N THR A 14 -0.01 -7.26 -2.80
CA THR A 14 0.91 -8.36 -2.55
C THR A 14 0.48 -9.16 -1.32
N ASP A 15 -0.04 -10.36 -1.56
CA ASP A 15 -0.49 -11.23 -0.47
C ASP A 15 0.47 -11.14 0.71
N GLY A 16 1.74 -11.46 0.48
CA GLY A 16 2.73 -11.41 1.54
C GLY A 16 3.23 -10.00 1.79
N CYS A 17 2.31 -9.06 1.96
CA CYS A 17 2.68 -7.67 2.20
C CYS A 17 1.58 -6.96 3.00
N ASP A 18 1.97 -6.24 4.04
CA ASP A 18 1.04 -5.51 4.87
C ASP A 18 1.31 -4.01 4.82
N TYR A 19 1.64 -3.51 3.64
CA TYR A 19 1.93 -2.09 3.46
C TYR A 19 0.68 -1.33 3.06
N SER A 20 0.43 -0.22 3.74
CA SER A 20 -0.73 0.61 3.46
C SER A 20 -0.37 2.09 3.48
N THR A 21 -1.06 2.87 2.64
CA THR A 21 -0.81 4.30 2.56
C THR A 21 -1.96 5.03 1.87
N PRO A 22 -2.32 6.20 2.40
CA PRO A 22 -3.41 7.02 1.86
C PRO A 22 -3.06 7.62 0.50
N ASP A 23 -1.78 7.53 0.13
CA ASP A 23 -1.33 8.06 -1.15
C ASP A 23 -1.30 6.97 -2.22
N LYS A 24 -2.15 7.12 -3.22
CA LYS A 24 -2.22 6.14 -4.30
C LYS A 24 -0.89 6.02 -5.02
N TYR A 25 -0.22 7.15 -5.24
CA TYR A 25 1.07 7.18 -5.91
C TYR A 25 2.14 6.48 -5.07
N LYS A 26 2.16 6.79 -3.77
CA LYS A 26 3.12 6.19 -2.86
C LYS A 26 3.14 4.67 -3.00
N LEU A 27 1.95 4.08 -3.10
CA LEU A 27 1.82 2.63 -3.23
C LEU A 27 2.45 2.15 -4.55
N GLN A 28 2.02 2.75 -5.65
CA GLN A 28 2.53 2.39 -6.97
C GLN A 28 4.04 2.19 -6.92
N ALA A 29 4.74 3.16 -6.32
CA ALA A 29 6.19 3.10 -6.21
C ALA A 29 6.63 1.94 -5.30
N HIS A 30 5.81 1.66 -4.29
CA HIS A 30 6.11 0.59 -3.36
C HIS A 30 6.02 -0.78 -4.04
N LEU A 31 4.98 -0.95 -4.86
CA LEU A 31 4.78 -2.21 -5.57
C LEU A 31 6.06 -2.65 -6.27
N LYS A 32 6.93 -1.69 -6.57
CA LYS A 32 8.19 -1.99 -7.23
C LYS A 32 9.16 -2.68 -6.27
N VAL A 33 9.08 -2.32 -4.99
CA VAL A 33 9.95 -2.91 -3.98
C VAL A 33 10.01 -4.43 -4.13
N HIS A 34 8.97 -5.00 -4.72
CA HIS A 34 8.90 -6.45 -4.92
C HIS A 34 9.44 -6.84 -6.30
N THR A 35 8.88 -6.24 -7.34
CA THR A 35 9.30 -6.52 -8.70
C THR A 35 10.50 -5.65 -9.09
N ALA A 36 11.42 -5.47 -8.16
CA ALA A 36 12.61 -4.66 -8.40
C ALA A 36 13.59 -5.39 -9.30
N LEU A 37 14.45 -4.64 -9.98
CA LEU A 37 15.45 -5.22 -10.87
C LEU A 37 16.84 -4.68 -10.57
N ASP A 38 16.99 -3.37 -10.70
CA ASP A 38 18.28 -2.72 -10.44
C ASP A 38 19.37 -3.31 -11.32
ZN ZN B . 3.96 -4.51 -1.15
N GLY A 1 -20.82 -3.52 11.58
CA GLY A 1 -19.46 -3.11 11.37
C GLY A 1 -18.74 -2.77 12.67
N SER A 2 -17.41 -2.70 12.62
CA SER A 2 -16.62 -2.38 13.80
C SER A 2 -15.57 -1.32 13.47
N SER A 3 -14.76 -1.58 12.46
CA SER A 3 -13.71 -0.66 12.05
C SER A 3 -14.31 0.57 11.37
N GLY A 4 -14.55 1.62 12.16
CA GLY A 4 -15.11 2.83 11.61
C GLY A 4 -14.37 4.08 12.07
N SER A 5 -13.23 4.35 11.44
CA SER A 5 -12.42 5.51 11.80
C SER A 5 -11.88 6.20 10.54
N SER A 6 -12.32 7.44 10.32
CA SER A 6 -11.88 8.20 9.15
C SER A 6 -10.42 7.92 8.84
N GLY A 7 -10.15 7.59 7.58
CA GLY A 7 -8.78 7.30 7.17
C GLY A 7 -8.69 6.08 6.28
N ILE A 8 -9.06 6.24 5.02
CA ILE A 8 -9.02 5.14 4.07
C ILE A 8 -7.62 4.98 3.48
N LEU A 9 -7.07 3.78 3.59
CA LEU A 9 -5.73 3.50 3.07
C LEU A 9 -5.78 2.35 2.06
N LEU A 10 -4.78 2.30 1.19
CA LEU A 10 -4.70 1.25 0.18
C LEU A 10 -3.76 0.13 0.62
N LYS A 11 -4.31 -1.06 0.81
CA LYS A 11 -3.53 -2.21 1.23
C LYS A 11 -2.88 -2.88 0.03
N CYS A 12 -1.54 -2.87 -0.01
CA CYS A 12 -0.79 -3.48 -1.10
C CYS A 12 -1.45 -4.78 -1.54
N PRO A 13 -1.54 -4.98 -2.86
CA PRO A 13 -2.14 -6.19 -3.43
C PRO A 13 -1.27 -7.42 -3.21
N THR A 14 0.04 -7.21 -3.10
CA THR A 14 0.98 -8.31 -2.89
C THR A 14 0.57 -9.16 -1.69
N ASP A 15 0.57 -10.48 -1.88
CA ASP A 15 0.21 -11.39 -0.81
C ASP A 15 1.22 -11.34 0.33
N GLY A 16 0.72 -11.39 1.57
CA GLY A 16 1.60 -11.34 2.72
C GLY A 16 2.03 -9.93 3.07
N CYS A 17 2.27 -9.12 2.04
CA CYS A 17 2.69 -7.74 2.24
C CYS A 17 1.63 -6.96 3.03
N ASP A 18 2.06 -6.32 4.12
CA ASP A 18 1.15 -5.54 4.95
C ASP A 18 1.45 -4.05 4.82
N TYR A 19 1.76 -3.61 3.61
CA TYR A 19 2.07 -2.21 3.37
C TYR A 19 0.83 -1.45 2.91
N SER A 20 0.53 -0.36 3.60
CA SER A 20 -0.63 0.46 3.27
C SER A 20 -0.28 1.94 3.27
N THR A 21 -0.94 2.70 2.41
CA THR A 21 -0.69 4.13 2.30
C THR A 21 -1.85 4.85 1.62
N PRO A 22 -2.19 6.05 2.14
CA PRO A 22 -3.29 6.86 1.60
C PRO A 22 -2.97 7.42 0.22
N ASP A 23 -1.68 7.64 -0.05
CA ASP A 23 -1.25 8.17 -1.34
C ASP A 23 -1.23 7.08 -2.40
N LYS A 24 -2.04 7.28 -3.43
CA LYS A 24 -2.12 6.30 -4.53
C LYS A 24 -0.78 6.16 -5.23
N TYR A 25 0.00 7.25 -5.23
CA TYR A 25 1.30 7.24 -5.87
C TYR A 25 2.35 6.59 -4.98
N LYS A 26 2.22 6.79 -3.67
CA LYS A 26 3.15 6.22 -2.71
C LYS A 26 3.09 4.70 -2.73
N LEU A 27 1.93 4.16 -3.11
CA LEU A 27 1.74 2.72 -3.17
C LEU A 27 2.32 2.14 -4.46
N GLN A 28 1.83 2.63 -5.59
CA GLN A 28 2.31 2.17 -6.89
C GLN A 28 3.83 2.05 -6.90
N ALA A 29 4.50 3.00 -6.26
CA ALA A 29 5.96 3.00 -6.19
C ALA A 29 6.46 1.88 -5.29
N HIS A 30 5.69 1.58 -4.23
CA HIS A 30 6.06 0.53 -3.29
C HIS A 30 5.99 -0.84 -3.96
N LEU A 31 4.99 -1.04 -4.79
CA LEU A 31 4.80 -2.31 -5.48
C LEU A 31 6.07 -2.69 -6.25
N LYS A 32 6.90 -1.71 -6.55
CA LYS A 32 8.14 -1.94 -7.28
C LYS A 32 9.19 -2.58 -6.37
N VAL A 33 9.15 -2.23 -5.09
CA VAL A 33 10.09 -2.77 -4.12
C VAL A 33 10.14 -4.29 -4.20
N HIS A 34 9.09 -4.88 -4.76
CA HIS A 34 9.02 -6.33 -4.89
C HIS A 34 9.74 -6.80 -6.14
N THR A 35 9.16 -6.51 -7.31
CA THR A 35 9.75 -6.89 -8.59
C THR A 35 11.17 -6.36 -8.72
N ALA A 36 11.52 -5.43 -7.85
CA ALA A 36 12.85 -4.83 -7.88
C ALA A 36 13.85 -5.69 -7.10
N LEU A 37 13.34 -6.51 -6.19
CA LEU A 37 14.19 -7.38 -5.39
C LEU A 37 15.44 -6.65 -4.92
N ASP A 38 15.28 -5.39 -4.54
CA ASP A 38 16.40 -4.59 -4.07
C ASP A 38 15.91 -3.35 -3.32
ZN ZN B . 3.90 -4.55 -1.09
#